data_3ZYM
#
_entry.id   3ZYM
#
_cell.length_a   161.051
_cell.length_b   100.260
_cell.length_c   104.021
_cell.angle_alpha   90.00
_cell.angle_beta   118.88
_cell.angle_gamma   90.00
#
_symmetry.space_group_name_H-M   'C 1 2 1'
#
loop_
_entity.id
_entity.type
_entity.pdbx_description
1 polymer 'PHOSPHATIDYLINOSITOL-BINDING CLATHRIN ASSEMBLY PROTEIN, VESICLE-ASSOCIATED MEMBRANE PROTEIN 8'
2 non-polymer GLYCEROL
3 non-polymer 'PHOSPHATE ION'
4 water water
#
_entity_poly.entity_id   1
_entity_poly.type   'polypeptide(L)'
_entity_poly.pdbx_seq_one_letter_code
;GSPIGIPMSGQSLTDRITAAQHSVTGSAVSKTVCKATTHEIMGPKKKHLDYLIQCTNEMNVNIPQLADSLFERTTNSSWV
VVFKSLITTHHLMVYGNERFIQYLASRNTLFNLSNFLDKSGLQGYDMSTFIRRYSRYLNEKAVSYRQVAFDFTKVKRGAD
GVMRTMNTEKLLKTVPIIQNQMDALLDFNVNSNELTNGVINAAFMLLFKDAIRLFAAYNEGIINLLEKYFDMKKNQCKEG
LDIYKKFLTRMTRISEFLKVAEQVGIDRGDISGSGSGHMDRVRNLQSEVEGVKNIMTQNVERILARGENL
;
_entity_poly.pdbx_strand_id   A,B,C
#
loop_
_chem_comp.id
_chem_comp.type
_chem_comp.name
_chem_comp.formula
GOL non-polymer GLYCEROL 'C3 H8 O3'
PO4 non-polymer 'PHOSPHATE ION' 'O4 P -3'
#
# COMPACT_ATOMS: atom_id res chain seq x y z
N SER A 12 32.64 21.04 9.45
CA SER A 12 31.74 21.63 8.46
C SER A 12 30.28 21.26 8.73
N LEU A 13 30.00 19.99 8.98
CA LEU A 13 28.66 19.60 9.42
C LEU A 13 28.37 20.29 10.75
N THR A 14 29.36 20.28 11.63
CA THR A 14 29.30 21.00 12.89
C THR A 14 29.12 22.50 12.65
N ASP A 15 29.78 23.00 11.62
CA ASP A 15 29.65 24.41 11.24
C ASP A 15 28.23 24.72 10.77
N ARG A 16 27.71 23.87 9.89
CA ARG A 16 26.36 24.06 9.35
C ARG A 16 25.30 23.99 10.45
N ILE A 17 25.57 23.15 11.44
CA ILE A 17 24.64 23.01 12.56
C ILE A 17 24.69 24.24 13.47
N THR A 18 25.89 24.67 13.85
CA THR A 18 26.04 25.88 14.66
C THR A 18 25.44 27.09 13.96
N ALA A 19 25.69 27.22 12.65
CA ALA A 19 25.07 28.26 11.85
C ALA A 19 23.55 28.21 11.99
N ALA A 20 22.99 27.01 11.90
CA ALA A 20 21.54 26.84 11.99
C ALA A 20 21.00 27.20 13.37
N GLN A 21 21.81 26.97 14.40
CA GLN A 21 21.41 27.29 15.77
C GLN A 21 21.42 28.79 16.03
N HIS A 22 21.97 29.55 15.09
CA HIS A 22 22.02 31.01 15.20
C HIS A 22 21.06 31.67 14.22
N SER A 23 20.45 30.86 13.37
CA SER A 23 19.52 31.38 12.37
C SER A 23 18.12 31.54 12.97
N VAL A 24 17.42 32.57 12.51
CA VAL A 24 16.08 32.86 13.01
C VAL A 24 15.05 32.61 11.92
N THR A 25 15.52 32.14 10.77
CA THR A 25 14.66 31.92 9.62
C THR A 25 13.50 30.98 9.96
N GLY A 26 13.83 29.81 10.49
CA GLY A 26 12.83 28.81 10.82
C GLY A 26 11.80 29.30 11.81
N SER A 27 12.30 30.03 12.81
CA SER A 27 11.45 30.60 13.87
CA SER A 27 11.45 30.59 13.86
C SER A 27 10.50 31.65 13.30
N ALA A 28 11.00 32.49 12.38
CA ALA A 28 10.18 33.46 11.69
C ALA A 28 9.08 32.78 10.86
N VAL A 29 9.46 31.69 10.18
CA VAL A 29 8.50 30.94 9.39
C VAL A 29 7.41 30.32 10.26
N SER A 30 7.81 29.73 11.38
CA SER A 30 6.85 29.12 12.30
C SER A 30 5.88 30.14 12.90
N LYS A 31 6.40 31.30 13.26
CA LYS A 31 5.56 32.36 13.82
C LYS A 31 4.51 32.81 12.81
N THR A 32 4.91 32.91 11.54
CA THR A 32 3.98 33.33 10.50
C THR A 32 2.90 32.27 10.25
N VAL A 33 3.29 31.00 10.31
CA VAL A 33 2.32 29.92 10.24
C VAL A 33 1.29 30.05 11.35
N CYS A 34 1.75 30.37 12.56
CA CYS A 34 0.84 30.61 13.69
C CYS A 34 -0.09 31.79 13.45
N LYS A 35 0.45 32.87 12.91
CA LYS A 35 -0.35 34.05 12.57
C LYS A 35 -1.39 33.76 11.48
N ALA A 36 -1.05 32.85 10.58
CA ALA A 36 -1.96 32.44 9.51
C ALA A 36 -3.05 31.51 10.02
N THR A 37 -2.87 30.98 11.23
CA THR A 37 -3.76 29.95 11.76
C THR A 37 -4.26 30.24 13.18
N THR A 38 -4.51 31.51 13.47
CA THR A 38 -5.09 31.90 14.76
C THR A 38 -6.53 31.41 14.90
N HIS A 39 -7.09 31.62 16.09
CA HIS A 39 -8.45 31.22 16.43
C HIS A 39 -9.48 32.18 15.86
N GLU A 40 -9.02 33.20 15.17
CA GLU A 40 -9.95 34.16 14.59
C GLU A 40 -10.73 33.50 13.46
N ILE A 41 -12.06 33.63 13.52
CA ILE A 41 -12.91 33.00 12.51
C ILE A 41 -12.94 33.85 11.23
N MET A 42 -11.86 33.74 10.47
CA MET A 42 -11.71 34.41 9.18
C MET A 42 -10.67 33.62 8.39
N GLY A 43 -10.60 33.84 7.08
CA GLY A 43 -9.56 33.20 6.31
C GLY A 43 -8.18 33.64 6.79
N PRO A 44 -7.15 32.83 6.56
CA PRO A 44 -5.78 33.28 6.80
C PRO A 44 -5.52 34.62 6.10
N LYS A 45 -4.88 35.55 6.79
CA LYS A 45 -4.68 36.89 6.23
C LYS A 45 -3.71 36.88 5.06
N LYS A 46 -3.99 37.71 4.06
CA LYS A 46 -3.18 37.78 2.86
C LYS A 46 -1.71 38.11 3.16
N LYS A 47 -1.47 39.01 4.11
CA LYS A 47 -0.11 39.40 4.42
C LYS A 47 0.72 38.19 4.90
N HIS A 48 0.10 37.32 5.70
CA HIS A 48 0.81 36.14 6.18
C HIS A 48 0.98 35.11 5.06
N LEU A 49 -0.07 34.91 4.25
CA LEU A 49 0.04 33.99 3.12
C LEU A 49 1.13 34.44 2.14
N ASP A 50 1.19 35.75 1.89
CA ASP A 50 2.17 36.32 0.97
C ASP A 50 3.59 36.11 1.49
N TYR A 51 3.78 36.34 2.78
CA TYR A 51 5.06 36.12 3.41
C TYR A 51 5.50 34.66 3.25
N LEU A 52 4.58 33.74 3.46
CA LEU A 52 4.87 32.31 3.36
C LEU A 52 5.15 31.89 1.92
N ILE A 53 4.42 32.49 0.98
CA ILE A 53 4.70 32.28 -0.44
C ILE A 53 6.13 32.70 -0.78
N GLN A 54 6.55 33.86 -0.30
CA GLN A 54 7.92 34.30 -0.53
C GLN A 54 8.93 33.36 0.12
N CYS A 55 8.61 32.85 1.30
CA CYS A 55 9.44 31.85 1.95
C CYS A 55 9.69 30.65 1.05
N THR A 56 8.64 30.18 0.37
CA THR A 56 8.81 29.02 -0.52
C THR A 56 9.73 29.32 -1.72
N ASN A 57 9.95 30.59 -1.99
CA ASN A 57 10.87 31.01 -3.05
C ASN A 57 12.33 31.12 -2.56
N GLU A 58 12.51 31.15 -1.24
CA GLU A 58 13.83 31.35 -0.65
C GLU A 58 14.57 30.02 -0.45
N MET A 59 15.75 29.89 -1.04
CA MET A 59 16.53 28.67 -0.92
C MET A 59 17.07 28.45 0.49
N ASN A 60 17.15 29.53 1.27
CA ASN A 60 17.54 29.44 2.68
C ASN A 60 16.43 28.95 3.62
N VAL A 61 15.22 28.76 3.09
CA VAL A 61 14.11 28.28 3.89
C VAL A 61 14.02 26.75 3.88
N ASN A 62 13.92 26.17 5.07
CA ASN A 62 13.72 24.73 5.24
C ASN A 62 12.27 24.34 4.97
N ILE A 63 11.99 23.85 3.77
CA ILE A 63 10.62 23.53 3.36
C ILE A 63 9.95 22.42 4.19
N PRO A 64 10.66 21.30 4.43
CA PRO A 64 10.04 20.28 5.30
C PRO A 64 9.71 20.81 6.69
N GLN A 65 10.53 21.71 7.22
CA GLN A 65 10.26 22.33 8.51
C GLN A 65 9.01 23.22 8.44
N LEU A 66 8.87 23.98 7.35
CA LEU A 66 7.67 24.77 7.15
C LEU A 66 6.42 23.86 7.12
N ALA A 67 6.50 22.77 6.37
CA ALA A 67 5.41 21.81 6.33
C ALA A 67 5.12 21.21 7.71
N ASP A 68 6.17 20.86 8.46
CA ASP A 68 6.03 20.35 9.83
C ASP A 68 5.17 21.28 10.67
N SER A 69 5.40 22.60 10.55
CA SER A 69 4.67 23.58 11.33
C SER A 69 3.17 23.55 11.00
N LEU A 70 2.85 23.40 9.72
CA LEU A 70 1.46 23.30 9.30
C LEU A 70 0.78 22.02 9.80
N PHE A 71 1.47 20.89 9.68
CA PHE A 71 0.95 19.63 10.24
C PHE A 71 0.73 19.74 11.74
N GLU A 72 1.68 20.34 12.43
CA GLU A 72 1.53 20.57 13.86
C GLU A 72 0.25 21.32 14.21
N ARG A 73 -0.01 22.42 13.49
CA ARG A 73 -1.24 23.17 13.74
C ARG A 73 -2.48 22.32 13.50
N THR A 74 -2.40 21.31 12.64
CA THR A 74 -3.56 20.44 12.45
C THR A 74 -3.81 19.45 13.60
N THR A 75 -2.92 19.43 14.58
CA THR A 75 -3.17 18.63 15.79
C THR A 75 -3.92 19.45 16.84
N ASN A 76 -4.20 20.71 16.54
CA ASN A 76 -4.97 21.55 17.47
C ASN A 76 -6.38 21.00 17.64
N SER A 77 -6.99 21.27 18.79
CA SER A 77 -8.35 20.80 19.06
C SER A 77 -9.42 21.69 18.43
N SER A 78 -9.05 22.94 18.14
CA SER A 78 -9.98 23.91 17.53
C SER A 78 -10.16 23.73 16.02
N TRP A 79 -11.41 23.65 15.56
CA TRP A 79 -11.68 23.53 14.12
C TRP A 79 -11.12 24.74 13.37
N VAL A 80 -11.11 25.89 14.03
CA VAL A 80 -10.69 27.11 13.36
C VAL A 80 -9.20 27.04 12.98
N VAL A 81 -8.39 26.66 13.96
CA VAL A 81 -6.96 26.51 13.75
C VAL A 81 -6.66 25.43 12.71
N VAL A 82 -7.30 24.28 12.85
CA VAL A 82 -7.08 23.16 11.95
C VAL A 82 -7.48 23.51 10.50
N PHE A 83 -8.68 24.07 10.34
CA PHE A 83 -9.18 24.38 9.01
C PHE A 83 -8.24 25.42 8.36
N LYS A 84 -7.82 26.41 9.14
CA LYS A 84 -6.95 27.46 8.61
C LYS A 84 -5.57 26.96 8.21
N SER A 85 -5.08 25.94 8.90
CA SER A 85 -3.81 25.33 8.53
C SER A 85 -3.92 24.56 7.21
N LEU A 86 -5.03 23.84 7.05
CA LEU A 86 -5.34 23.19 5.79
C LEU A 86 -5.43 24.22 4.65
N ILE A 87 -6.13 25.33 4.90
CA ILE A 87 -6.27 26.36 3.89
C ILE A 87 -4.93 26.97 3.50
N THR A 88 -4.11 27.27 4.50
CA THR A 88 -2.78 27.81 4.27
C THR A 88 -1.95 26.83 3.43
N THR A 89 -1.99 25.55 3.78
CA THR A 89 -1.29 24.52 3.01
C THR A 89 -1.75 24.50 1.57
N HIS A 90 -3.07 24.47 1.37
CA HIS A 90 -3.66 24.50 0.04
C HIS A 90 -3.21 25.74 -0.73
N HIS A 91 -3.27 26.89 -0.07
CA HIS A 91 -2.87 28.15 -0.69
C HIS A 91 -1.40 28.09 -1.17
N LEU A 92 -0.54 27.49 -0.36
CA LEU A 92 0.86 27.35 -0.73
C LEU A 92 1.07 26.34 -1.86
N MET A 93 0.26 25.28 -1.89
CA MET A 93 0.31 24.33 -2.98
C MET A 93 -0.07 25.00 -4.30
N VAL A 94 -1.01 25.93 -4.23
CA VAL A 94 -1.52 26.59 -5.43
C VAL A 94 -0.67 27.78 -5.87
N TYR A 95 -0.29 28.62 -4.92
CA TYR A 95 0.35 29.90 -5.25
C TYR A 95 1.83 29.96 -4.88
N GLY A 96 2.29 28.98 -4.09
CA GLY A 96 3.68 28.98 -3.67
C GLY A 96 4.59 28.39 -4.73
N ASN A 97 5.89 28.51 -4.50
CA ASN A 97 6.87 27.82 -5.34
C ASN A 97 6.53 26.34 -5.46
N GLU A 98 6.65 25.80 -6.67
CA GLU A 98 6.27 24.40 -6.91
C GLU A 98 7.08 23.41 -6.07
N ARG A 99 8.20 23.84 -5.50
CA ARG A 99 8.94 22.94 -4.63
C ARG A 99 8.16 22.60 -3.35
N PHE A 100 7.16 23.41 -3.01
CA PHE A 100 6.33 23.10 -1.84
C PHE A 100 5.44 21.88 -2.09
N ILE A 101 4.62 21.93 -3.15
CA ILE A 101 3.80 20.76 -3.45
C ILE A 101 4.67 19.54 -3.79
N GLN A 102 5.81 19.78 -4.45
CA GLN A 102 6.74 18.69 -4.77
C GLN A 102 7.21 18.02 -3.49
N TYR A 103 7.54 18.83 -2.49
CA TYR A 103 7.93 18.26 -1.21
C TYR A 103 6.75 17.45 -0.56
N LEU A 104 5.56 18.03 -0.51
CA LEU A 104 4.42 17.30 0.07
C LEU A 104 4.19 15.97 -0.65
N ALA A 105 4.29 15.98 -1.98
CA ALA A 105 4.14 14.78 -2.77
C ALA A 105 5.18 13.70 -2.38
N SER A 106 6.34 14.14 -1.91
CA SER A 106 7.42 13.21 -1.58
C SER A 106 7.27 12.59 -0.19
N ARG A 107 6.36 13.12 0.62
CA ARG A 107 6.16 12.60 1.97
C ARG A 107 5.39 11.30 1.94
N ASN A 108 5.60 10.45 2.94
CA ASN A 108 4.84 9.23 3.01
C ASN A 108 3.75 9.28 4.08
N THR A 109 3.74 10.34 4.88
CA THR A 109 2.65 10.60 5.82
C THR A 109 2.18 12.03 5.61
N LEU A 110 0.87 12.21 5.42
CA LEU A 110 0.30 13.53 5.20
C LEU A 110 -0.70 13.86 6.32
N PHE A 111 -1.83 14.48 6.00
CA PHE A 111 -2.80 14.82 7.04
C PHE A 111 -3.53 13.57 7.54
N ASN A 112 -3.75 13.49 8.85
CA ASN A 112 -4.57 12.42 9.39
C ASN A 112 -5.70 12.97 10.24
N LEU A 113 -6.75 13.44 9.59
CA LEU A 113 -7.84 14.11 10.31
C LEU A 113 -9.14 13.35 10.16
N SER A 114 -9.06 12.06 9.85
CA SER A 114 -10.25 11.27 9.58
C SER A 114 -11.14 11.08 10.83
N ASN A 115 -10.59 11.34 12.02
CA ASN A 115 -11.37 11.22 13.25
C ASN A 115 -11.61 12.59 13.85
N PHE A 116 -11.22 13.63 13.14
CA PHE A 116 -11.30 14.95 13.73
C PHE A 116 -12.73 15.34 14.10
N LEU A 117 -12.91 15.80 15.33
CA LEU A 117 -14.22 16.26 15.76
C LEU A 117 -14.07 17.28 16.86
N ASP A 118 -14.47 18.51 16.57
CA ASP A 118 -14.49 19.59 17.54
C ASP A 118 -15.90 19.69 18.13
N LYS A 119 -16.07 19.52 19.43
CA LYS A 119 -17.42 19.57 20.03
C LYS A 119 -17.71 20.84 20.82
N SER A 120 -16.97 21.92 20.56
CA SER A 120 -17.10 23.15 21.33
C SER A 120 -18.46 23.84 21.16
N GLY A 121 -19.12 23.63 20.03
CA GLY A 121 -20.42 24.21 19.76
C GLY A 121 -20.90 23.74 18.40
N LEU A 122 -22.07 24.19 17.97
CA LEU A 122 -22.64 23.70 16.72
C LEU A 122 -21.78 24.08 15.52
N GLN A 123 -21.19 25.26 15.56
CA GLN A 123 -20.33 25.70 14.47
C GLN A 123 -19.14 24.76 14.35
N GLY A 124 -18.46 24.48 15.46
CA GLY A 124 -17.33 23.57 15.45
C GLY A 124 -17.74 22.18 14.95
N TYR A 125 -18.91 21.74 15.42
CA TYR A 125 -19.43 20.44 15.03
C TYR A 125 -19.67 20.35 13.52
N ASP A 126 -20.35 21.35 12.97
CA ASP A 126 -20.64 21.37 11.54
C ASP A 126 -19.38 21.47 10.66
N MET A 127 -18.36 22.17 11.16
CA MET A 127 -17.14 22.41 10.39
C MET A 127 -16.22 21.19 10.36
N SER A 128 -16.36 20.31 11.36
CA SER A 128 -15.48 19.13 11.47
C SER A 128 -15.66 18.23 10.25
N THR A 129 -16.90 18.12 9.78
CA THR A 129 -17.19 17.34 8.60
C THR A 129 -16.43 17.87 7.39
N PHE A 130 -16.44 19.18 7.21
CA PHE A 130 -15.75 19.78 6.07
C PHE A 130 -14.23 19.72 6.20
N ILE A 131 -13.75 19.80 7.43
CA ILE A 131 -12.32 19.61 7.68
C ILE A 131 -11.87 18.21 7.23
N ARG A 132 -12.62 17.18 7.62
CA ARG A 132 -12.24 15.83 7.22
C ARG A 132 -12.22 15.65 5.71
N ARG A 133 -13.23 16.21 5.03
CA ARG A 133 -13.31 16.09 3.59
C ARG A 133 -12.20 16.89 2.91
N TYR A 134 -11.94 18.08 3.43
CA TYR A 134 -10.93 18.96 2.83
C TYR A 134 -9.53 18.33 2.99
N SER A 135 -9.27 17.78 4.16
CA SER A 135 -7.98 17.14 4.40
CA SER A 135 -8.01 17.11 4.44
C SER A 135 -7.76 15.96 3.47
N ARG A 136 -8.81 15.18 3.18
CA ARG A 136 -8.68 14.07 2.23
C ARG A 136 -8.38 14.61 0.84
N TYR A 137 -9.01 15.72 0.47
CA TYR A 137 -8.72 16.34 -0.81
C TYR A 137 -7.25 16.75 -0.91
N LEU A 138 -6.73 17.41 0.13
CA LEU A 138 -5.34 17.89 0.09
C LEU A 138 -4.37 16.71 0.04
N ASN A 139 -4.68 15.65 0.78
CA ASN A 139 -3.87 14.43 0.71
C ASN A 139 -3.84 13.90 -0.73
N GLU A 140 -5.01 13.84 -1.38
CA GLU A 140 -5.10 13.30 -2.73
C GLU A 140 -4.40 14.21 -3.75
N LYS A 141 -4.42 15.50 -3.48
CA LYS A 141 -3.75 16.45 -4.34
C LYS A 141 -2.24 16.20 -4.31
N ALA A 142 -1.70 15.93 -3.12
CA ALA A 142 -0.29 15.55 -3.00
C ALA A 142 0.01 14.20 -3.64
N VAL A 143 -0.87 13.23 -3.40
CA VAL A 143 -0.69 11.88 -3.92
C VAL A 143 -0.72 11.88 -5.47
N SER A 144 -1.65 12.66 -6.01
CA SER A 144 -1.79 12.80 -7.45
C SER A 144 -0.48 13.31 -8.05
N TYR A 145 0.07 14.36 -7.44
CA TYR A 145 1.37 14.89 -7.88
C TYR A 145 2.47 13.81 -7.80
N ARG A 146 2.49 13.09 -6.69
CA ARG A 146 3.42 11.98 -6.49
C ARG A 146 3.32 10.93 -7.60
N GLN A 147 2.10 10.60 -8.00
CA GLN A 147 1.88 9.52 -8.96
C GLN A 147 2.25 9.87 -10.41
N VAL A 148 2.08 11.13 -10.80
CA VAL A 148 2.33 11.51 -12.18
C VAL A 148 3.48 12.50 -12.31
N ALA A 149 3.94 13.03 -11.19
CA ALA A 149 5.08 13.96 -11.16
C ALA A 149 4.80 15.32 -11.81
N PHE A 150 3.54 15.72 -11.83
CA PHE A 150 3.20 17.10 -12.18
C PHE A 150 1.85 17.42 -11.57
N ASP A 151 1.49 18.70 -11.61
CA ASP A 151 0.25 19.19 -11.06
C ASP A 151 -0.77 19.38 -12.18
N PHE A 152 -1.85 18.61 -12.17
CA PHE A 152 -2.91 18.70 -13.20
C PHE A 152 -3.41 20.12 -13.41
N THR A 153 -3.40 20.93 -12.35
CA THR A 153 -4.01 22.25 -12.43
C THR A 153 -3.04 23.30 -12.95
N LYS A 154 -1.78 22.92 -13.16
CA LYS A 154 -0.76 23.88 -13.61
CA LYS A 154 -0.76 23.87 -13.60
C LYS A 154 -0.23 23.64 -15.01
N VAL A 155 -0.42 22.44 -15.54
CA VAL A 155 0.17 22.14 -16.84
C VAL A 155 -0.48 22.86 -18.01
N LYS A 156 0.28 23.03 -19.08
CA LYS A 156 -0.20 23.60 -20.33
C LYS A 156 -1.46 22.84 -20.77
N ARG A 157 -2.45 23.60 -21.22
CA ARG A 157 -3.68 23.06 -21.80
C ARG A 157 -3.77 23.36 -23.29
N GLY A 158 -4.90 22.99 -23.90
CA GLY A 158 -5.08 23.17 -25.33
C GLY A 158 -4.53 22.00 -26.10
N ALA A 159 -4.65 22.06 -27.44
CA ALA A 159 -4.28 20.97 -28.33
C ALA A 159 -2.80 20.60 -28.27
N ASP A 160 -1.95 21.55 -27.87
CA ASP A 160 -0.53 21.27 -27.76
C ASP A 160 -0.14 21.03 -26.30
N GLY A 161 -1.15 20.94 -25.44
CA GLY A 161 -0.92 20.76 -24.02
C GLY A 161 -0.67 19.34 -23.58
N VAL A 162 -0.48 19.17 -22.28
CA VAL A 162 -0.08 17.89 -21.70
C VAL A 162 -1.13 16.79 -21.86
N MET A 163 -2.35 17.04 -21.39
CA MET A 163 -3.40 16.03 -21.46
C MET A 163 -3.84 15.66 -22.89
N ARG A 164 -3.83 16.64 -23.78
CA ARG A 164 -4.26 16.43 -25.17
C ARG A 164 -3.24 15.68 -26.03
N THR A 165 -1.96 15.73 -25.65
CA THR A 165 -0.89 15.13 -26.46
C THR A 165 -0.32 13.86 -25.85
N MET A 166 -0.79 13.52 -24.65
CA MET A 166 -0.27 12.35 -23.93
C MET A 166 -0.45 11.06 -24.74
N ASN A 167 0.56 10.19 -24.72
CA ASN A 167 0.49 8.90 -25.42
C ASN A 167 -0.49 7.96 -24.73
N THR A 168 -0.89 6.91 -25.43
CA THR A 168 -1.96 6.02 -24.99
C THR A 168 -1.74 5.36 -23.63
N GLU A 169 -0.60 4.71 -23.43
CA GLU A 169 -0.36 3.99 -22.18
C GLU A 169 -0.36 4.94 -20.98
N LYS A 170 0.32 6.07 -21.12
CA LYS A 170 0.32 7.06 -20.03
C LYS A 170 -1.06 7.63 -19.78
N LEU A 171 -1.78 7.90 -20.87
CA LEU A 171 -3.12 8.47 -20.79
C LEU A 171 -4.03 7.55 -19.98
N LEU A 172 -3.97 6.25 -20.26
CA LEU A 172 -4.82 5.28 -19.55
C LEU A 172 -4.52 5.19 -18.06
N LYS A 173 -3.27 5.44 -17.69
CA LYS A 173 -2.89 5.42 -16.26
C LYS A 173 -3.21 6.75 -15.58
N THR A 174 -3.17 7.82 -16.37
CA THR A 174 -3.27 9.17 -15.87
C THR A 174 -4.70 9.64 -15.61
N VAL A 175 -5.62 9.38 -16.53
CA VAL A 175 -6.99 9.85 -16.36
C VAL A 175 -7.64 9.32 -15.05
N PRO A 176 -7.39 8.05 -14.71
CA PRO A 176 -7.99 7.58 -13.45
C PRO A 176 -7.44 8.32 -12.23
N ILE A 177 -6.22 8.85 -12.31
CA ILE A 177 -5.65 9.66 -11.23
CA ILE A 177 -5.67 9.65 -11.22
C ILE A 177 -6.36 11.01 -11.13
N ILE A 178 -6.61 11.63 -12.28
CA ILE A 178 -7.41 12.84 -12.32
C ILE A 178 -8.77 12.56 -11.68
N GLN A 179 -9.35 11.40 -12.02
CA GLN A 179 -10.67 11.00 -11.50
C GLN A 179 -10.67 10.82 -9.97
N ASN A 180 -9.58 10.29 -9.43
CA ASN A 180 -9.45 10.18 -7.96
C ASN A 180 -9.38 11.54 -7.28
N GLN A 181 -8.57 12.45 -7.83
CA GLN A 181 -8.43 13.78 -7.26
C GLN A 181 -9.76 14.52 -7.35
N MET A 182 -10.45 14.34 -8.46
CA MET A 182 -11.76 14.95 -8.70
CA MET A 182 -11.74 15.01 -8.64
C MET A 182 -12.80 14.46 -7.69
N ASP A 183 -12.79 13.16 -7.46
CA ASP A 183 -13.74 12.56 -6.53
C ASP A 183 -13.55 13.14 -5.12
N ALA A 184 -12.29 13.25 -4.71
CA ALA A 184 -11.97 13.83 -3.42
C ALA A 184 -12.45 15.27 -3.35
N LEU A 185 -12.25 16.02 -4.42
CA LEU A 185 -12.75 17.40 -4.46
C LEU A 185 -14.28 17.45 -4.38
N LEU A 186 -14.95 16.60 -5.15
CA LEU A 186 -16.42 16.60 -5.18
C LEU A 186 -17.03 16.10 -3.87
N ASP A 187 -16.25 15.37 -3.07
CA ASP A 187 -16.71 14.90 -1.77
C ASP A 187 -16.83 16.01 -0.73
N PHE A 188 -16.24 17.17 -0.98
CA PHE A 188 -16.40 18.31 -0.07
C PHE A 188 -17.89 18.60 0.09
N ASN A 189 -18.58 18.71 -1.04
CA ASN A 189 -20.04 18.66 -1.07
C ASN A 189 -20.75 19.65 -0.13
N VAL A 190 -20.43 20.93 -0.26
CA VAL A 190 -21.01 21.96 0.59
C VAL A 190 -22.20 22.59 -0.15
N ASN A 191 -23.24 22.94 0.60
CA ASN A 191 -24.39 23.68 0.06
C ASN A 191 -24.11 25.17 0.12
N SER A 192 -24.76 25.94 -0.75
CA SER A 192 -24.56 27.39 -0.75
C SER A 192 -24.92 27.99 0.61
N ASN A 193 -25.92 27.44 1.28
CA ASN A 193 -26.32 27.98 2.58
C ASN A 193 -25.45 27.52 3.74
N GLU A 194 -24.39 26.76 3.46
CA GLU A 194 -23.44 26.37 4.51
C GLU A 194 -22.16 27.19 4.43
N LEU A 195 -22.06 28.02 3.39
CA LEU A 195 -20.89 28.87 3.24
C LEU A 195 -21.12 30.17 4.01
N THR A 196 -21.04 30.08 5.33
CA THR A 196 -21.51 31.16 6.19
C THR A 196 -20.43 31.73 7.10
N ASN A 197 -19.18 31.33 6.90
CA ASN A 197 -18.10 31.98 7.64
C ASN A 197 -16.85 32.10 6.77
N GLY A 198 -15.94 33.00 7.15
CA GLY A 198 -14.79 33.32 6.34
C GLY A 198 -13.80 32.16 6.17
N VAL A 199 -13.80 31.24 7.12
CA VAL A 199 -12.89 30.10 7.05
C VAL A 199 -13.34 29.14 5.95
N ILE A 200 -14.57 28.62 6.07
CA ILE A 200 -15.04 27.68 5.06
C ILE A 200 -15.13 28.35 3.68
N ASN A 201 -15.44 29.64 3.64
CA ASN A 201 -15.48 30.35 2.35
C ASN A 201 -14.11 30.45 1.67
N ALA A 202 -13.07 30.65 2.47
CA ALA A 202 -11.70 30.65 1.93
C ALA A 202 -11.32 29.29 1.36
N ALA A 203 -11.71 28.22 2.05
CA ALA A 203 -11.41 26.87 1.59
C ALA A 203 -12.16 26.62 0.26
N PHE A 204 -13.42 27.05 0.22
CA PHE A 204 -14.22 26.80 -0.98
C PHE A 204 -13.72 27.58 -2.19
N MET A 205 -13.23 28.81 -1.97
CA MET A 205 -12.62 29.55 -3.08
C MET A 205 -11.43 28.81 -3.70
N LEU A 206 -10.57 28.23 -2.87
CA LEU A 206 -9.42 27.48 -3.36
C LEU A 206 -9.85 26.20 -4.07
N LEU A 207 -10.85 25.53 -3.52
CA LEU A 207 -11.39 24.32 -4.13
C LEU A 207 -11.98 24.63 -5.49
N PHE A 208 -12.68 25.75 -5.59
CA PHE A 208 -13.30 26.15 -6.84
C PHE A 208 -12.24 26.45 -7.91
N LYS A 209 -11.20 27.18 -7.51
CA LYS A 209 -10.07 27.44 -8.39
C LYS A 209 -9.42 26.14 -8.90
N ASP A 210 -9.19 25.19 -8.00
CA ASP A 210 -8.63 23.89 -8.39
C ASP A 210 -9.57 23.17 -9.34
N ALA A 211 -10.85 23.20 -8.99
CA ALA A 211 -11.88 22.43 -9.70
C ALA A 211 -12.00 22.82 -11.17
N ILE A 212 -12.02 24.11 -11.44
CA ILE A 212 -12.12 24.59 -12.81
C ILE A 212 -10.94 24.10 -13.67
N ARG A 213 -9.73 24.22 -13.13
CA ARG A 213 -8.56 23.67 -13.79
C ARG A 213 -8.57 22.14 -13.88
N LEU A 214 -9.07 21.47 -12.84
CA LEU A 214 -9.14 20.03 -12.84
C LEU A 214 -10.16 19.50 -13.85
N PHE A 215 -11.32 20.16 -13.92
CA PHE A 215 -12.37 19.80 -14.87
C PHE A 215 -11.83 19.89 -16.31
N ALA A 216 -11.09 20.96 -16.58
CA ALA A 216 -10.48 21.12 -17.89
C ALA A 216 -9.50 20.00 -18.23
N ALA A 217 -8.63 19.65 -17.27
CA ALA A 217 -7.67 18.57 -17.48
C ALA A 217 -8.37 17.26 -17.72
N TYR A 218 -9.43 17.02 -16.97
CA TYR A 218 -10.25 15.82 -17.08
C TYR A 218 -10.86 15.76 -18.49
N ASN A 219 -11.50 16.85 -18.90
CA ASN A 219 -12.12 16.93 -20.22
C ASN A 219 -11.11 16.67 -21.33
N GLU A 220 -9.90 17.23 -21.17
CA GLU A 220 -8.86 17.06 -22.18
C GLU A 220 -8.37 15.61 -22.26
N GLY A 221 -8.28 14.95 -21.10
CA GLY A 221 -7.98 13.52 -21.06
C GLY A 221 -9.04 12.70 -21.77
N ILE A 222 -10.31 13.01 -21.50
CA ILE A 222 -11.42 12.35 -22.16
C ILE A 222 -11.38 12.59 -23.69
N ILE A 223 -11.14 13.83 -24.10
CA ILE A 223 -11.03 14.15 -25.52
C ILE A 223 -9.94 13.31 -26.20
N ASN A 224 -8.79 13.20 -25.53
CA ASN A 224 -7.65 12.45 -26.07
C ASN A 224 -8.04 10.98 -26.25
N LEU A 225 -8.70 10.40 -25.25
CA LEU A 225 -9.18 9.02 -25.33
C LEU A 225 -10.15 8.82 -26.49
N LEU A 226 -11.11 9.74 -26.61
CA LEU A 226 -12.07 9.69 -27.71
C LEU A 226 -11.38 9.73 -29.07
N GLU A 227 -10.30 10.48 -29.16
CA GLU A 227 -9.58 10.56 -30.44
C GLU A 227 -8.82 9.28 -30.75
N LYS A 228 -8.29 8.64 -29.70
CA LYS A 228 -7.49 7.43 -29.84
C LYS A 228 -8.31 6.17 -29.93
N TYR A 229 -9.58 6.27 -29.52
CA TYR A 229 -10.37 5.07 -29.27
C TYR A 229 -10.27 4.02 -30.38
N PHE A 230 -10.45 4.45 -31.62
CA PHE A 230 -10.45 3.51 -32.73
C PHE A 230 -9.06 2.94 -33.05
N ASP A 231 -8.02 3.45 -32.39
CA ASP A 231 -6.66 2.99 -32.69
C ASP A 231 -5.97 2.24 -31.55
N MET A 232 -6.70 1.97 -30.48
CA MET A 232 -6.12 1.28 -29.32
C MET A 232 -6.22 -0.26 -29.44
N LYS A 233 -5.40 -0.98 -28.66
CA LYS A 233 -5.55 -2.42 -28.55
C LYS A 233 -6.88 -2.69 -27.83
N LYS A 234 -7.30 -3.96 -27.83
CA LYS A 234 -8.57 -4.34 -27.21
C LYS A 234 -8.62 -4.10 -25.69
N ASN A 235 -7.56 -4.48 -24.99
CA ASN A 235 -7.50 -4.30 -23.53
C ASN A 235 -7.45 -2.84 -23.13
N GLN A 236 -6.93 -2.02 -24.02
CA GLN A 236 -6.89 -0.59 -23.83
C GLN A 236 -8.28 0.01 -23.99
N CYS A 237 -9.03 -0.49 -24.97
CA CYS A 237 -10.41 -0.07 -25.18
C CYS A 237 -11.25 -0.34 -23.95
N LYS A 238 -11.04 -1.51 -23.33
CA LYS A 238 -11.77 -1.89 -22.13
C LYS A 238 -11.53 -0.86 -21.04
N GLU A 239 -10.26 -0.51 -20.81
CA GLU A 239 -9.91 0.49 -19.83
C GLU A 239 -10.52 1.84 -20.18
N GLY A 240 -10.50 2.19 -21.46
CA GLY A 240 -11.14 3.41 -21.92
C GLY A 240 -12.62 3.44 -21.57
N LEU A 241 -13.32 2.34 -21.84
CA LEU A 241 -14.74 2.24 -21.53
C LEU A 241 -15.00 2.45 -20.03
N ASP A 242 -14.11 1.90 -19.21
CA ASP A 242 -14.23 2.03 -17.77
C ASP A 242 -14.06 3.49 -17.38
N ILE A 243 -13.15 4.17 -18.05
CA ILE A 243 -12.98 5.60 -17.84
C ILE A 243 -14.22 6.40 -18.26
N TYR A 244 -14.79 6.07 -19.42
CA TYR A 244 -16.02 6.74 -19.88
C TYR A 244 -17.16 6.57 -18.87
N LYS A 245 -17.31 5.36 -18.34
CA LYS A 245 -18.44 5.02 -17.47
C LYS A 245 -18.37 5.81 -16.18
N LYS A 246 -17.16 6.01 -15.69
CA LYS A 246 -16.96 6.80 -14.50
C LYS A 246 -17.12 8.29 -14.72
N PHE A 247 -16.73 8.76 -15.90
CA PHE A 247 -16.99 10.13 -16.31
C PHE A 247 -18.52 10.39 -16.29
N LEU A 248 -19.27 9.51 -16.95
CA LEU A 248 -20.71 9.68 -17.06
C LEU A 248 -21.43 9.72 -15.70
N THR A 249 -20.98 8.88 -14.77
CA THR A 249 -21.64 8.79 -13.46
C THR A 249 -21.34 9.96 -12.53
N ARG A 250 -20.33 10.76 -12.82
CA ARG A 250 -20.08 11.90 -11.95
C ARG A 250 -20.74 13.20 -12.46
N MET A 251 -21.34 13.18 -13.66
CA MET A 251 -21.91 14.39 -14.30
C MET A 251 -22.86 15.16 -13.40
N THR A 252 -23.78 14.45 -12.77
CA THR A 252 -24.75 15.08 -11.89
C THR A 252 -24.09 15.73 -10.67
N ARG A 253 -23.13 15.04 -10.08
CA ARG A 253 -22.38 15.63 -8.97
C ARG A 253 -21.58 16.87 -9.43
N ILE A 254 -20.95 16.85 -10.62
CA ILE A 254 -20.22 18.02 -11.16
C ILE A 254 -21.18 19.20 -11.44
N SER A 255 -22.34 18.87 -11.98
CA SER A 255 -23.38 19.87 -12.24
C SER A 255 -23.81 20.58 -10.95
N GLU A 256 -24.03 19.79 -9.90
CA GLU A 256 -24.35 20.36 -8.59
C GLU A 256 -23.26 21.26 -8.06
N PHE A 257 -22.00 20.85 -8.23
CA PHE A 257 -20.86 21.66 -7.79
C PHE A 257 -20.89 23.04 -8.47
N LEU A 258 -21.06 23.05 -9.78
CA LEU A 258 -21.04 24.31 -10.54
C LEU A 258 -22.22 25.19 -10.16
N LYS A 259 -23.38 24.58 -9.96
CA LYS A 259 -24.56 25.28 -9.49
C LYS A 259 -24.32 26.01 -8.17
N VAL A 260 -23.74 25.32 -7.19
CA VAL A 260 -23.42 25.94 -5.91
C VAL A 260 -22.49 27.13 -6.10
N ALA A 261 -21.43 26.95 -6.90
CA ALA A 261 -20.45 28.01 -7.09
C ALA A 261 -21.10 29.26 -7.69
N GLU A 262 -22.10 29.06 -8.53
CA GLU A 262 -22.79 30.17 -9.17
C GLU A 262 -23.74 30.87 -8.19
N GLN A 263 -24.43 30.08 -7.38
CA GLN A 263 -25.31 30.64 -6.36
C GLN A 263 -24.58 31.60 -5.44
N VAL A 264 -23.32 31.28 -5.11
CA VAL A 264 -22.56 32.12 -4.20
C VAL A 264 -21.79 33.22 -4.92
N GLY A 265 -21.81 33.19 -6.25
CA GLY A 265 -21.14 34.20 -7.05
C GLY A 265 -19.64 34.25 -6.81
N ASN A 284 -15.60 35.74 -15.91
CA ASN A 284 -15.03 34.41 -16.08
C ASN A 284 -15.80 33.34 -15.32
N LEU A 285 -16.27 33.69 -14.12
CA LEU A 285 -17.05 32.76 -13.31
C LEU A 285 -18.13 32.12 -14.17
N GLN A 286 -18.97 32.95 -14.75
CA GLN A 286 -20.05 32.49 -15.60
C GLN A 286 -19.49 31.81 -16.86
N SER A 287 -18.37 32.35 -17.36
CA SER A 287 -17.79 31.88 -18.61
C SER A 287 -17.07 30.54 -18.45
N GLU A 288 -16.15 30.50 -17.49
CA GLU A 288 -15.34 29.32 -17.26
C GLU A 288 -16.24 28.11 -16.93
N VAL A 289 -17.27 28.35 -16.14
CA VAL A 289 -18.27 27.33 -15.86
C VAL A 289 -19.06 26.91 -17.11
N GLU A 290 -19.30 27.87 -18.01
CA GLU A 290 -20.07 27.59 -19.22
C GLU A 290 -19.29 26.68 -20.15
N GLY A 291 -18.01 26.95 -20.30
CA GLY A 291 -17.13 26.12 -21.10
C GLY A 291 -16.96 24.70 -20.55
N VAL A 292 -17.02 24.56 -19.22
CA VAL A 292 -16.95 23.24 -18.61
C VAL A 292 -18.20 22.46 -18.93
N LYS A 293 -19.35 23.11 -18.75
CA LYS A 293 -20.62 22.51 -19.10
C LYS A 293 -20.67 22.14 -20.58
N ASN A 294 -20.18 23.04 -21.42
CA ASN A 294 -20.18 22.82 -22.87
C ASN A 294 -19.31 21.65 -23.32
N ILE A 295 -18.04 21.66 -22.92
CA ILE A 295 -17.12 20.58 -23.29
C ILE A 295 -17.56 19.25 -22.66
N MET A 296 -18.00 19.30 -21.42
CA MET A 296 -18.51 18.09 -20.79
C MET A 296 -19.74 17.55 -21.49
N THR A 297 -20.64 18.44 -21.89
CA THR A 297 -21.80 18.03 -22.65
C THR A 297 -21.36 17.41 -23.99
N GLN A 298 -20.42 18.07 -24.66
CA GLN A 298 -19.91 17.58 -25.94
C GLN A 298 -19.29 16.19 -25.77
N ASN A 299 -18.53 16.01 -24.69
CA ASN A 299 -17.91 14.73 -24.40
C ASN A 299 -18.93 13.64 -24.12
N VAL A 300 -19.92 13.96 -23.29
CA VAL A 300 -21.04 13.05 -23.05
C VAL A 300 -21.68 12.59 -24.36
N GLU A 301 -22.02 13.55 -25.23
CA GLU A 301 -22.62 13.21 -26.51
C GLU A 301 -21.74 12.26 -27.33
N ARG A 302 -20.43 12.49 -27.33
CA ARG A 302 -19.53 11.67 -28.13
C ARG A 302 -19.44 10.26 -27.54
N ILE A 303 -19.41 10.18 -26.23
CA ILE A 303 -19.37 8.90 -25.53
C ILE A 303 -20.65 8.11 -25.79
N LEU A 304 -21.81 8.73 -25.58
CA LEU A 304 -23.09 8.08 -25.83
C LEU A 304 -23.24 7.64 -27.28
N ALA A 305 -22.64 8.38 -28.20
CA ALA A 305 -22.73 8.03 -29.62
C ALA A 305 -21.96 6.73 -29.92
N ARG A 306 -20.91 6.47 -29.14
CA ARG A 306 -20.12 5.26 -29.31
C ARG A 306 -20.87 4.02 -28.81
N GLY A 307 -21.65 4.20 -27.74
CA GLY A 307 -22.34 3.10 -27.10
C GLY A 307 -23.57 2.65 -27.86
N SER B 12 25.24 -42.61 -1.61
CA SER B 12 25.13 -41.25 -2.12
C SER B 12 25.78 -40.22 -1.19
N LEU B 13 25.50 -40.31 0.11
CA LEU B 13 26.22 -39.46 1.07
C LEU B 13 27.71 -39.81 0.99
N THR B 14 27.97 -41.12 0.95
CA THR B 14 29.32 -41.63 0.78
C THR B 14 29.90 -41.14 -0.55
N ASP B 15 29.06 -41.08 -1.57
CA ASP B 15 29.47 -40.58 -2.88
C ASP B 15 29.82 -39.10 -2.82
N ARG B 16 28.95 -38.31 -2.21
CA ARG B 16 29.18 -36.87 -2.07
C ARG B 16 30.46 -36.60 -1.29
N ILE B 17 30.74 -37.44 -0.30
CA ILE B 17 31.93 -37.26 0.53
C ILE B 17 33.19 -37.61 -0.25
N THR B 18 33.18 -38.76 -0.93
CA THR B 18 34.32 -39.15 -1.76
C THR B 18 34.58 -38.10 -2.85
N ALA B 19 33.52 -37.63 -3.49
CA ALA B 19 33.63 -36.53 -4.44
C ALA B 19 34.33 -35.32 -3.81
N ALA B 20 33.95 -34.98 -2.59
CA ALA B 20 34.53 -33.83 -1.90
C ALA B 20 36.01 -34.05 -1.56
N GLN B 21 36.38 -35.30 -1.30
CA GLN B 21 37.75 -35.63 -0.97
C GLN B 21 38.66 -35.58 -2.21
N HIS B 22 38.05 -35.44 -3.37
CA HIS B 22 38.79 -35.35 -4.63
C HIS B 22 38.72 -33.94 -5.21
N SER B 23 37.94 -33.08 -4.57
CA SER B 23 37.79 -31.70 -5.02
C SER B 23 38.92 -30.83 -4.48
N VAL B 24 39.34 -29.85 -5.28
CA VAL B 24 40.41 -28.94 -4.90
C VAL B 24 39.89 -27.54 -4.72
N THR B 25 38.57 -27.38 -4.87
CA THR B 25 37.93 -26.09 -4.72
C THR B 25 38.25 -25.42 -3.38
N GLY B 26 37.98 -26.14 -2.28
CA GLY B 26 38.16 -25.59 -0.95
C GLY B 26 39.60 -25.21 -0.68
N SER B 27 40.51 -26.06 -1.15
CA SER B 27 41.95 -25.83 -1.04
C SER B 27 42.40 -24.57 -1.81
N ALA B 28 41.88 -24.41 -3.01
CA ALA B 28 42.13 -23.20 -3.80
C ALA B 28 41.62 -21.94 -3.10
N VAL B 29 40.42 -22.02 -2.52
CA VAL B 29 39.85 -20.89 -1.79
C VAL B 29 40.73 -20.53 -0.58
N SER B 30 41.14 -21.55 0.18
CA SER B 30 41.93 -21.32 1.38
C SER B 30 43.28 -20.69 1.02
N LYS B 31 43.89 -21.17 -0.05
CA LYS B 31 45.18 -20.60 -0.49
C LYS B 31 45.04 -19.13 -0.84
N THR B 32 43.93 -18.79 -1.50
CA THR B 32 43.72 -17.40 -1.88
C THR B 32 43.48 -16.51 -0.65
N VAL B 33 42.77 -17.04 0.34
CA VAL B 33 42.58 -16.31 1.59
C VAL B 33 43.95 -16.03 2.22
N CYS B 34 44.85 -17.01 2.17
CA CYS B 34 46.21 -16.83 2.68
C CYS B 34 46.97 -15.75 1.89
N LYS B 35 46.83 -15.77 0.57
CA LYS B 35 47.45 -14.75 -0.29
C LYS B 35 46.91 -13.34 -0.01
N ALA B 36 45.63 -13.26 0.38
CA ALA B 36 44.98 -11.98 0.66
C ALA B 36 45.40 -11.49 2.04
N THR B 37 46.02 -12.35 2.83
CA THR B 37 46.30 -12.02 4.22
C THR B 37 47.75 -12.31 4.63
N THR B 38 48.69 -12.08 3.72
CA THR B 38 50.11 -12.22 4.03
C THR B 38 50.58 -11.16 5.03
N HIS B 39 51.77 -11.35 5.58
CA HIS B 39 52.41 -10.37 6.47
C HIS B 39 52.85 -9.06 5.76
N GLU B 40 52.67 -8.97 4.44
CA GLU B 40 53.03 -7.74 3.72
C GLU B 40 52.18 -6.57 4.19
N ILE B 41 52.83 -5.47 4.56
CA ILE B 41 52.09 -4.29 5.02
C ILE B 41 51.51 -3.48 3.86
N MET B 42 50.40 -3.99 3.32
CA MET B 42 49.67 -3.36 2.24
C MET B 42 48.27 -3.95 2.31
N GLY B 43 47.30 -3.30 1.66
CA GLY B 43 45.96 -3.87 1.60
C GLY B 43 45.98 -5.22 0.90
N PRO B 44 44.99 -6.08 1.19
CA PRO B 44 44.83 -7.29 0.36
C PRO B 44 44.82 -6.93 -1.12
N LYS B 45 45.53 -7.69 -1.95
CA LYS B 45 45.62 -7.39 -3.38
C LYS B 45 44.29 -7.58 -4.09
N LYS B 46 44.00 -6.70 -5.04
CA LYS B 46 42.76 -6.75 -5.80
C LYS B 46 42.54 -8.11 -6.49
N LYS B 47 43.61 -8.69 -7.06
CA LYS B 47 43.45 -9.95 -7.79
C LYS B 47 42.94 -11.06 -6.88
N HIS B 48 43.41 -11.08 -5.64
CA HIS B 48 42.92 -12.08 -4.68
C HIS B 48 41.50 -11.78 -4.20
N LEU B 49 41.22 -10.51 -3.92
CA LEU B 49 39.85 -10.13 -3.55
C LEU B 49 38.87 -10.45 -4.68
N ASP B 50 39.27 -10.20 -5.92
CA ASP B 50 38.40 -10.46 -7.08
C ASP B 50 38.11 -11.94 -7.23
N TYR B 51 39.15 -12.75 -7.08
CA TYR B 51 39.00 -14.20 -7.11
C TYR B 51 38.02 -14.66 -6.03
N LEU B 52 38.17 -14.14 -4.82
CA LEU B 52 37.28 -14.53 -3.72
C LEU B 52 35.84 -14.07 -3.97
N ILE B 53 35.69 -12.87 -4.54
CA ILE B 53 34.36 -12.38 -4.92
C ILE B 53 33.70 -13.37 -5.90
N GLN B 54 34.46 -13.82 -6.90
CA GLN B 54 33.90 -14.78 -7.85
CA GLN B 54 33.96 -14.79 -7.87
C GLN B 54 33.57 -16.12 -7.18
N CYS B 55 34.39 -16.53 -6.21
CA CYS B 55 34.06 -17.70 -5.39
C CYS B 55 32.69 -17.58 -4.74
N THR B 56 32.36 -16.41 -4.19
CA THR B 56 31.07 -16.25 -3.53
C THR B 56 29.90 -16.35 -4.52
N ASN B 57 30.20 -16.23 -5.81
CA ASN B 57 29.17 -16.39 -6.85
C ASN B 57 29.01 -17.83 -7.30
N GLU B 58 29.97 -18.69 -6.95
CA GLU B 58 29.96 -20.09 -7.38
C GLU B 58 29.19 -20.99 -6.42
N MET B 59 28.18 -21.68 -6.91
CA MET B 59 27.38 -22.57 -6.07
C MET B 59 28.16 -23.79 -5.58
N ASN B 60 29.23 -24.12 -6.29
CA ASN B 60 30.13 -25.21 -5.90
C ASN B 60 31.11 -24.84 -4.77
N VAL B 61 31.12 -23.58 -4.37
CA VAL B 61 31.99 -23.13 -3.28
C VAL B 61 31.29 -23.26 -1.92
N ASN B 62 31.99 -23.87 -0.97
CA ASN B 62 31.52 -24.00 0.41
C ASN B 62 31.75 -22.68 1.15
N ILE B 63 30.69 -21.88 1.27
CA ILE B 63 30.79 -20.57 1.91
C ILE B 63 31.21 -20.61 3.39
N PRO B 64 30.58 -21.48 4.20
CA PRO B 64 31.04 -21.57 5.60
C PRO B 64 32.52 -21.93 5.69
N GLN B 65 33.00 -22.78 4.78
CA GLN B 65 34.40 -23.15 4.79
C GLN B 65 35.30 -21.97 4.41
N LEU B 66 34.86 -21.16 3.47
CA LEU B 66 35.56 -19.92 3.14
C LEU B 66 35.64 -19.00 4.37
N ALA B 67 34.50 -18.82 5.05
CA ALA B 67 34.48 -18.02 6.26
C ALA B 67 35.42 -18.59 7.33
N ASP B 68 35.39 -19.91 7.52
CA ASP B 68 36.27 -20.57 8.49
C ASP B 68 37.74 -20.19 8.26
N SER B 69 38.15 -20.14 7.00
CA SER B 69 39.53 -19.77 6.65
C SER B 69 39.86 -18.34 7.09
N LEU B 70 38.93 -17.42 6.89
CA LEU B 70 39.11 -16.04 7.34
C LEU B 70 39.20 -15.96 8.86
N PHE B 71 38.30 -16.66 9.56
CA PHE B 71 38.35 -16.68 11.02
C PHE B 71 39.69 -17.25 11.51
N GLU B 72 40.17 -18.32 10.86
CA GLU B 72 41.45 -18.94 11.23
C GLU B 72 42.61 -17.94 11.13
N ARG B 73 42.59 -17.13 10.08
CA ARG B 73 43.64 -16.12 9.92
C ARG B 73 43.55 -15.06 11.01
N THR B 74 42.36 -14.85 11.59
CA THR B 74 42.29 -13.87 12.69
C THR B 74 42.82 -14.43 14.02
N THR B 75 43.25 -15.69 14.04
CA THR B 75 43.94 -16.21 15.23
C THR B 75 45.45 -15.97 15.14
N ASN B 76 45.89 -15.36 14.05
CA ASN B 76 47.31 -15.08 13.91
C ASN B 76 47.78 -14.09 15.00
N SER B 77 49.06 -14.15 15.36
CA SER B 77 49.60 -13.18 16.32
C SER B 77 49.91 -11.83 15.66
N SER B 78 50.11 -11.84 14.35
CA SER B 78 50.50 -10.63 13.64
C SER B 78 49.31 -9.68 13.38
N TRP B 79 49.44 -8.42 13.80
CA TRP B 79 48.41 -7.43 13.46
C TRP B 79 48.14 -7.33 11.95
N VAL B 80 49.19 -7.53 11.15
CA VAL B 80 49.06 -7.40 9.71
C VAL B 80 48.09 -8.44 9.15
N VAL B 81 48.36 -9.70 9.46
CA VAL B 81 47.54 -10.81 9.01
C VAL B 81 46.11 -10.66 9.53
N VAL B 82 45.96 -10.32 10.81
CA VAL B 82 44.63 -10.24 11.40
C VAL B 82 43.81 -9.11 10.77
N PHE B 83 44.41 -7.93 10.67
CA PHE B 83 43.75 -6.77 10.09
C PHE B 83 43.35 -7.07 8.63
N LYS B 84 44.26 -7.70 7.88
CA LYS B 84 43.99 -8.01 6.48
C LYS B 84 42.88 -9.04 6.29
N SER B 85 42.75 -9.96 7.24
CA SER B 85 41.66 -10.93 7.20
C SER B 85 40.30 -10.26 7.49
N LEU B 86 40.29 -9.35 8.45
CA LEU B 86 39.10 -8.50 8.69
C LEU B 86 38.73 -7.69 7.43
N ILE B 87 39.72 -7.08 6.79
CA ILE B 87 39.49 -6.27 5.60
C ILE B 87 38.92 -7.12 4.47
N THR B 88 39.52 -8.29 4.27
CA THR B 88 39.05 -9.21 3.24
C THR B 88 37.59 -9.61 3.50
N THR B 89 37.29 -9.93 4.77
CA THR B 89 35.91 -10.27 5.16
C THR B 89 34.95 -9.12 4.84
N HIS B 90 35.33 -7.91 5.25
CA HIS B 90 34.53 -6.71 5.00
C HIS B 90 34.32 -6.51 3.49
N HIS B 91 35.40 -6.66 2.74
CA HIS B 91 35.34 -6.50 1.28
C HIS B 91 34.33 -7.48 0.66
N LEU B 92 34.34 -8.72 1.13
CA LEU B 92 33.39 -9.71 0.64
C LEU B 92 31.95 -9.43 1.07
N MET B 93 31.77 -8.87 2.27
CA MET B 93 30.45 -8.49 2.74
C MET B 93 29.89 -7.38 1.84
N VAL B 94 30.77 -6.50 1.35
CA VAL B 94 30.34 -5.34 0.58
C VAL B 94 30.18 -5.67 -0.90
N TYR B 95 31.16 -6.37 -1.47
CA TYR B 95 31.24 -6.54 -2.92
C TYR B 95 30.96 -7.98 -3.37
N GLY B 96 30.94 -8.91 -2.42
CA GLY B 96 30.69 -10.30 -2.76
C GLY B 96 29.22 -10.58 -2.90
N ASN B 97 28.90 -11.78 -3.40
CA ASN B 97 27.52 -12.26 -3.42
C ASN B 97 26.88 -12.13 -2.04
N GLU B 98 25.62 -11.68 -2.01
CA GLU B 98 24.93 -11.43 -0.74
C GLU B 98 24.82 -12.69 0.12
N ARG B 99 25.02 -13.86 -0.47
CA ARG B 99 24.96 -15.05 0.37
C ARG B 99 26.14 -15.12 1.36
N PHE B 100 27.19 -14.35 1.12
CA PHE B 100 28.30 -14.31 2.07
C PHE B 100 27.90 -13.58 3.36
N ILE B 101 27.44 -12.34 3.25
CA ILE B 101 26.99 -11.65 4.47
C ILE B 101 25.78 -12.38 5.10
N GLN B 102 24.95 -12.99 4.27
CA GLN B 102 23.78 -13.72 4.79
C GLN B 102 24.25 -14.88 5.65
N TYR B 103 25.29 -15.56 5.18
CA TYR B 103 25.88 -16.63 5.95
C TYR B 103 26.49 -16.12 7.28
N LEU B 104 27.31 -15.07 7.23
CA LEU B 104 27.88 -14.52 8.45
C LEU B 104 26.78 -14.15 9.46
N ALA B 105 25.72 -13.52 8.96
CA ALA B 105 24.56 -13.14 9.80
C ALA B 105 23.95 -14.34 10.51
N SER B 106 24.02 -15.51 9.86
CA SER B 106 23.43 -16.73 10.41
C SER B 106 24.30 -17.45 11.44
N ARG B 107 25.55 -17.04 11.57
CA ARG B 107 26.43 -17.63 12.58
C ARG B 107 26.07 -17.14 13.98
N ASN B 108 26.35 -17.95 14.98
CA ASN B 108 26.20 -17.50 16.36
C ASN B 108 27.53 -17.16 17.05
N THR B 109 28.64 -17.39 16.35
CA THR B 109 29.96 -16.95 16.82
C THR B 109 30.62 -16.23 15.65
N LEU B 110 31.06 -15.00 15.88
CA LEU B 110 31.79 -14.24 14.86
C LEU B 110 33.24 -13.95 15.32
N PHE B 111 33.75 -12.74 15.11
CA PHE B 111 35.12 -12.44 15.52
C PHE B 111 35.21 -12.25 17.04
N ASN B 112 36.27 -12.77 17.64
CA ASN B 112 36.53 -12.48 19.05
C ASN B 112 37.92 -11.93 19.22
N LEU B 113 38.09 -10.64 18.97
CA LEU B 113 39.41 -10.02 19.01
C LEU B 113 39.47 -8.98 20.12
N SER B 114 38.61 -9.10 21.12
CA SER B 114 38.53 -8.05 22.14
C SER B 114 39.75 -8.03 23.08
N ASN B 115 40.42 -9.18 23.20
CA ASN B 115 41.72 -9.28 23.88
C ASN B 115 42.93 -9.15 22.94
N PHE B 116 42.75 -8.78 21.65
CA PHE B 116 43.87 -8.82 20.71
C PHE B 116 44.91 -7.74 20.99
N LEU B 117 46.17 -8.15 21.07
CA LEU B 117 47.27 -7.19 21.22
C LEU B 117 48.56 -7.77 20.68
N ASP B 118 49.02 -7.20 19.57
CA ASP B 118 50.30 -7.54 18.98
C ASP B 118 51.35 -6.79 19.77
N LYS B 119 52.18 -7.56 20.49
CA LYS B 119 53.20 -7.04 21.40
C LYS B 119 54.58 -6.82 20.78
N SER B 120 54.63 -6.73 19.48
CA SER B 120 55.91 -6.61 18.79
C SER B 120 56.51 -5.20 18.95
N GLY B 121 55.66 -4.22 19.23
CA GLY B 121 56.12 -2.85 19.38
C GLY B 121 55.03 -1.79 19.23
N LEU B 122 55.46 -0.54 19.04
CA LEU B 122 54.51 0.57 19.06
C LEU B 122 53.47 0.49 17.93
N GLN B 123 53.91 0.05 16.77
CA GLN B 123 52.99 -0.05 15.65
C GLN B 123 52.01 -1.19 15.89
N GLY B 124 52.52 -2.31 16.40
CA GLY B 124 51.64 -3.40 16.77
C GLY B 124 50.57 -2.95 17.76
N TYR B 125 50.98 -2.16 18.75
CA TYR B 125 50.04 -1.64 19.75
C TYR B 125 48.96 -0.76 19.14
N ASP B 126 49.36 0.23 18.34
CA ASP B 126 48.38 1.15 17.76
C ASP B 126 47.47 0.43 16.79
N MET B 127 48.03 -0.46 15.97
CA MET B 127 47.16 -1.13 15.01
C MET B 127 46.19 -2.09 15.74
N SER B 128 46.63 -2.65 16.87
CA SER B 128 45.78 -3.55 17.66
C SER B 128 44.50 -2.84 18.13
N THR B 129 44.65 -1.57 18.50
CA THR B 129 43.48 -0.79 18.89
C THR B 129 42.47 -0.73 17.76
N PHE B 130 42.95 -0.46 16.54
CA PHE B 130 42.02 -0.35 15.42
C PHE B 130 41.43 -1.68 15.00
N ILE B 131 42.22 -2.75 15.14
CA ILE B 131 41.75 -4.09 14.88
C ILE B 131 40.58 -4.43 15.81
N ARG B 132 40.72 -4.12 17.09
CA ARG B 132 39.63 -4.44 18.03
C ARG B 132 38.35 -3.67 17.67
N ARG B 133 38.50 -2.40 17.34
CA ARG B 133 37.35 -1.57 16.96
C ARG B 133 36.72 -2.06 15.65
N TYR B 134 37.56 -2.38 14.68
CA TYR B 134 37.10 -2.81 13.36
C TYR B 134 36.36 -4.12 13.45
N SER B 135 36.89 -5.04 14.25
CA SER B 135 36.25 -6.35 14.41
CA SER B 135 36.28 -6.36 14.46
C SER B 135 34.88 -6.20 15.09
N ARG B 136 34.75 -5.30 16.05
CA ARG B 136 33.43 -5.05 16.66
C ARG B 136 32.47 -4.51 15.60
N TYR B 137 32.96 -3.65 14.71
CA TYR B 137 32.12 -3.12 13.65
C TYR B 137 31.63 -4.24 12.73
N LEU B 138 32.53 -5.12 12.32
CA LEU B 138 32.15 -6.19 11.40
C LEU B 138 31.18 -7.14 12.08
N ASN B 139 31.40 -7.42 13.37
CA ASN B 139 30.45 -8.23 14.11
C ASN B 139 29.04 -7.59 14.08
N GLU B 140 28.98 -6.28 14.31
CA GLU B 140 27.70 -5.58 14.39
C GLU B 140 27.03 -5.49 13.01
N LYS B 141 27.84 -5.41 11.97
CA LYS B 141 27.34 -5.42 10.60
C LYS B 141 26.62 -6.74 10.31
N ALA B 142 27.21 -7.86 10.75
CA ALA B 142 26.57 -9.15 10.61
C ALA B 142 25.31 -9.27 11.48
N VAL B 143 25.41 -8.80 12.72
CA VAL B 143 24.30 -8.86 13.65
C VAL B 143 23.10 -8.02 13.16
N SER B 144 23.40 -6.84 12.63
CA SER B 144 22.39 -5.94 12.07
C SER B 144 21.63 -6.68 10.96
N TYR B 145 22.37 -7.32 10.06
CA TYR B 145 21.76 -8.09 8.99
C TYR B 145 20.88 -9.21 9.56
N ARG B 146 21.39 -9.89 10.58
CA ARG B 146 20.64 -10.95 11.26
C ARG B 146 19.34 -10.42 11.86
N GLN B 147 19.38 -9.22 12.42
CA GLN B 147 18.21 -8.70 13.14
C GLN B 147 17.10 -8.19 12.21
N VAL B 148 17.45 -7.69 11.03
CA VAL B 148 16.42 -7.10 10.16
C VAL B 148 16.30 -7.87 8.85
N ALA B 149 17.24 -8.77 8.61
CA ALA B 149 17.22 -9.61 7.41
C ALA B 149 17.48 -8.86 6.11
N PHE B 150 18.14 -7.70 6.19
CA PHE B 150 18.66 -7.06 4.99
C PHE B 150 19.86 -6.19 5.36
N ASP B 151 20.54 -5.70 4.34
CA ASP B 151 21.73 -4.89 4.53
C ASP B 151 21.36 -3.41 4.37
N PHE B 152 21.47 -2.61 5.43
CA PHE B 152 21.14 -1.18 5.38
C PHE B 152 21.85 -0.43 4.27
N THR B 153 23.04 -0.88 3.89
CA THR B 153 23.84 -0.15 2.92
C THR B 153 23.49 -0.52 1.48
N LYS B 154 22.63 -1.52 1.29
CA LYS B 154 22.32 -2.01 -0.05
CA LYS B 154 22.32 -2.02 -0.04
C LYS B 154 20.89 -1.75 -0.49
N VAL B 155 20.00 -1.46 0.45
CA VAL B 155 18.60 -1.33 0.07
C VAL B 155 18.26 -0.05 -0.72
N LYS B 156 17.16 -0.13 -1.46
CA LYS B 156 16.65 1.01 -2.23
C LYS B 156 16.43 2.22 -1.32
N ARG B 157 16.85 3.39 -1.78
CA ARG B 157 16.69 4.62 -1.03
C ARG B 157 15.66 5.52 -1.71
N GLY B 158 15.50 6.73 -1.19
CA GLY B 158 14.55 7.67 -1.75
C GLY B 158 13.13 7.45 -1.21
N ALA B 159 12.20 8.25 -1.71
CA ALA B 159 10.85 8.25 -1.17
C ALA B 159 10.12 6.92 -1.32
N ASP B 160 10.50 6.13 -2.33
CA ASP B 160 9.88 4.83 -2.55
C ASP B 160 10.74 3.73 -1.96
N GLY B 161 11.78 4.10 -1.22
CA GLY B 161 12.75 3.15 -0.70
C GLY B 161 12.34 2.50 0.61
N VAL B 162 13.23 1.65 1.13
CA VAL B 162 12.90 0.83 2.28
C VAL B 162 12.72 1.64 3.58
N MET B 163 13.68 2.49 3.92
CA MET B 163 13.60 3.24 5.17
C MET B 163 12.49 4.30 5.15
N ARG B 164 12.23 4.90 3.99
CA ARG B 164 11.23 5.96 3.88
C ARG B 164 9.79 5.42 3.91
N THR B 165 9.60 4.16 3.53
CA THR B 165 8.24 3.62 3.40
C THR B 165 7.89 2.67 4.55
N MET B 166 8.87 2.39 5.40
CA MET B 166 8.69 1.42 6.48
C MET B 166 7.54 1.78 7.42
N ASN B 167 6.76 0.79 7.85
CA ASN B 167 5.63 1.07 8.74
C ASN B 167 6.12 1.42 10.14
N THR B 168 5.24 1.98 10.94
CA THR B 168 5.60 2.54 12.25
C THR B 168 6.28 1.57 13.23
N GLU B 169 5.67 0.42 13.46
CA GLU B 169 6.23 -0.56 14.38
C GLU B 169 7.62 -1.05 13.94
N LYS B 170 7.76 -1.41 12.66
CA LYS B 170 9.05 -1.86 12.17
C LYS B 170 10.09 -0.74 12.24
N LEU B 171 9.65 0.48 11.93
CA LEU B 171 10.54 1.62 11.94
C LEU B 171 11.15 1.84 13.31
N LEU B 172 10.31 1.75 14.34
CA LEU B 172 10.76 1.98 15.70
C LEU B 172 11.76 0.91 16.18
N LYS B 173 11.64 -0.30 15.63
CA LYS B 173 12.58 -1.36 15.97
C LYS B 173 13.87 -1.26 15.15
N THR B 174 13.73 -0.69 13.95
CA THR B 174 14.80 -0.73 12.96
C THR B 174 15.81 0.39 13.13
N VAL B 175 15.34 1.61 13.37
CA VAL B 175 16.24 2.74 13.51
C VAL B 175 17.29 2.54 14.63
N PRO B 176 16.88 1.97 15.77
CA PRO B 176 17.90 1.72 16.80
C PRO B 176 18.98 0.73 16.34
N ILE B 177 18.65 -0.19 15.44
CA ILE B 177 19.63 -1.13 14.90
CA ILE B 177 19.65 -1.12 14.92
C ILE B 177 20.62 -0.40 13.98
N ILE B 178 20.10 0.48 13.15
CA ILE B 178 20.98 1.32 12.33
C ILE B 178 21.94 2.07 13.24
N GLN B 179 21.40 2.62 14.31
CA GLN B 179 22.19 3.40 15.25
C GLN B 179 23.28 2.57 15.94
N ASN B 180 22.96 1.34 16.32
CA ASN B 180 23.98 0.43 16.85
C ASN B 180 25.13 0.21 15.86
N GLN B 181 24.78 -0.07 14.60
CA GLN B 181 25.80 -0.32 13.60
C GLN B 181 26.64 0.93 13.36
N MET B 182 25.96 2.08 13.36
CA MET B 182 26.60 3.39 13.25
CA MET B 182 26.65 3.35 13.21
C MET B 182 27.58 3.66 14.37
N ASP B 183 27.14 3.40 15.60
CA ASP B 183 27.99 3.63 16.76
C ASP B 183 29.29 2.81 16.65
N ALA B 184 29.15 1.55 16.23
CA ALA B 184 30.32 0.68 16.11
C ALA B 184 31.24 1.22 15.02
N LEU B 185 30.64 1.78 13.97
CA LEU B 185 31.46 2.35 12.90
C LEU B 185 32.20 3.59 13.39
N LEU B 186 31.49 4.46 14.10
CA LEU B 186 32.05 5.70 14.63
C LEU B 186 33.10 5.45 15.72
N ASP B 187 33.04 4.29 16.36
CA ASP B 187 34.02 3.93 17.38
C ASP B 187 35.43 3.64 16.81
N PHE B 188 35.53 3.45 15.50
CA PHE B 188 36.84 3.23 14.87
C PHE B 188 37.72 4.41 15.21
N ASN B 189 37.17 5.61 15.00
CA ASN B 189 37.75 6.84 15.52
C ASN B 189 39.23 7.06 15.19
N VAL B 190 39.57 7.05 13.91
CA VAL B 190 40.95 7.24 13.49
C VAL B 190 41.17 8.72 13.13
N ASN B 191 42.35 9.25 13.44
CA ASN B 191 42.74 10.59 13.00
C ASN B 191 43.36 10.52 11.61
N SER B 192 43.30 11.62 10.87
CA SER B 192 43.90 11.65 9.54
C SER B 192 45.40 11.34 9.57
N ASN B 193 46.08 11.75 10.65
CA ASN B 193 47.51 11.48 10.76
C ASN B 193 47.87 10.08 11.24
N GLU B 194 46.85 9.24 11.46
CA GLU B 194 47.10 7.84 11.81
C GLU B 194 46.90 6.93 10.60
N LEU B 195 46.43 7.51 9.50
CA LEU B 195 46.18 6.72 8.29
C LEU B 195 47.46 6.66 7.46
N THR B 196 48.43 5.91 7.96
CA THR B 196 49.80 6.00 7.46
C THR B 196 50.34 4.71 6.85
N ASN B 197 49.48 3.70 6.71
CA ASN B 197 49.90 2.46 6.03
C ASN B 197 48.74 1.89 5.21
N GLY B 198 49.07 1.03 4.26
CA GLY B 198 48.07 0.53 3.31
C GLY B 198 47.03 -0.39 3.93
N VAL B 199 47.37 -1.02 5.05
CA VAL B 199 46.42 -1.90 5.73
C VAL B 199 45.29 -1.08 6.38
N ILE B 200 45.66 -0.16 7.27
CA ILE B 200 44.64 0.65 7.92
C ILE B 200 43.88 1.53 6.91
N ASN B 201 44.55 1.96 5.85
CA ASN B 201 43.90 2.79 4.83
C ASN B 201 42.84 1.99 4.06
N ALA B 202 43.13 0.72 3.80
CA ALA B 202 42.15 -0.14 3.13
C ALA B 202 40.91 -0.35 4.01
N ALA B 203 41.12 -0.53 5.31
CA ALA B 203 40.01 -0.70 6.23
C ALA B 203 39.18 0.58 6.25
N PHE B 204 39.84 1.72 6.30
CA PHE B 204 39.14 2.99 6.39
C PHE B 204 38.32 3.29 5.13
N MET B 205 38.85 2.94 3.95
CA MET B 205 38.11 3.14 2.71
C MET B 205 36.79 2.36 2.72
N LEU B 206 36.83 1.12 3.20
CA LEU B 206 35.62 0.31 3.29
C LEU B 206 34.65 0.85 4.33
N LEU B 207 35.18 1.32 5.46
CA LEU B 207 34.37 1.94 6.49
C LEU B 207 33.68 3.19 5.95
N PHE B 208 34.42 3.98 5.17
CA PHE B 208 33.88 5.21 4.63
C PHE B 208 32.72 4.90 3.65
N LYS B 209 32.93 3.89 2.82
CA LYS B 209 31.92 3.46 1.87
C LYS B 209 30.65 3.01 2.60
N ASP B 210 30.82 2.18 3.62
CA ASP B 210 29.67 1.77 4.43
C ASP B 210 29.00 2.98 5.08
N ALA B 211 29.81 3.90 5.59
CA ALA B 211 29.35 5.02 6.41
C ALA B 211 28.41 5.95 5.63
N ILE B 212 28.78 6.25 4.40
CA ILE B 212 27.98 7.14 3.56
C ILE B 212 26.58 6.54 3.31
N ARG B 213 26.52 5.23 3.06
CA ARG B 213 25.24 4.58 2.85
CA ARG B 213 25.24 4.56 2.85
C ARG B 213 24.47 4.43 4.16
N LEU B 214 25.20 4.21 5.25
CA LEU B 214 24.59 4.05 6.55
C LEU B 214 24.00 5.38 7.04
N PHE B 215 24.73 6.47 6.82
CA PHE B 215 24.26 7.80 7.20
C PHE B 215 22.96 8.11 6.47
N ALA B 216 22.90 7.74 5.20
CA ALA B 216 21.72 7.99 4.38
C ALA B 216 20.53 7.18 4.90
N ALA B 217 20.75 5.92 5.22
CA ALA B 217 19.68 5.07 5.76
C ALA B 217 19.18 5.61 7.08
N TYR B 218 20.11 6.09 7.89
CA TYR B 218 19.81 6.67 9.20
C TYR B 218 18.95 7.92 9.01
N ASN B 219 19.41 8.82 8.15
CA ASN B 219 18.65 10.02 7.81
C ASN B 219 17.25 9.71 7.34
N GLU B 220 17.11 8.68 6.50
CA GLU B 220 15.81 8.34 5.93
C GLU B 220 14.87 7.80 7.02
N GLY B 221 15.43 7.02 7.94
CA GLY B 221 14.68 6.54 9.09
C GLY B 221 14.19 7.71 9.95
N ILE B 222 15.08 8.66 10.18
CA ILE B 222 14.71 9.85 10.92
C ILE B 222 13.62 10.68 10.20
N ILE B 223 13.77 10.85 8.88
CA ILE B 223 12.74 11.52 8.10
C ILE B 223 11.36 10.85 8.24
N ASN B 224 11.34 9.53 8.15
CA ASN B 224 10.11 8.75 8.24
C ASN B 224 9.47 9.02 9.61
N LEU B 225 10.27 8.94 10.67
CA LEU B 225 9.77 9.21 12.03
C LEU B 225 9.20 10.62 12.17
N LEU B 226 9.91 11.60 11.62
CA LEU B 226 9.42 12.97 11.63
C LEU B 226 8.09 13.11 10.92
N GLU B 227 7.89 12.36 9.84
CA GLU B 227 6.62 12.44 9.11
C GLU B 227 5.48 11.79 9.91
N LYS B 228 5.80 10.74 10.66
CA LYS B 228 4.79 9.93 11.36
C LYS B 228 4.49 10.51 12.73
N TYR B 229 5.33 11.45 13.16
CA TYR B 229 5.44 11.91 14.53
C TYR B 229 4.14 12.33 15.23
N PHE B 230 3.33 13.16 14.56
CA PHE B 230 2.08 13.59 15.18
C PHE B 230 1.03 12.47 15.23
N ASP B 231 1.30 11.37 14.53
CA ASP B 231 0.30 10.30 14.41
C ASP B 231 0.58 9.07 15.26
N MET B 232 1.67 9.10 16.03
CA MET B 232 2.05 7.93 16.82
C MET B 232 1.41 7.93 18.22
N LYS B 233 1.20 6.74 18.76
CA LYS B 233 0.73 6.59 20.14
C LYS B 233 1.71 7.24 21.11
N LYS B 234 1.31 7.37 22.37
CA LYS B 234 2.15 7.97 23.40
C LYS B 234 3.48 7.24 23.55
N ASN B 235 3.41 5.91 23.63
CA ASN B 235 4.61 5.10 23.80
C ASN B 235 5.46 5.05 22.54
N GLN B 236 4.82 5.05 21.37
CA GLN B 236 5.56 5.13 20.13
C GLN B 236 6.27 6.47 20.08
N CYS B 237 5.57 7.53 20.49
CA CYS B 237 6.16 8.87 20.52
C CYS B 237 7.36 8.91 21.47
N LYS B 238 7.24 8.26 22.63
CA LYS B 238 8.35 8.20 23.58
C LYS B 238 9.58 7.51 22.99
N GLU B 239 9.35 6.42 22.26
CA GLU B 239 10.45 5.73 21.58
C GLU B 239 11.04 6.63 20.50
N GLY B 240 10.18 7.35 19.78
CA GLY B 240 10.64 8.28 18.77
C GLY B 240 11.55 9.34 19.39
N LEU B 241 11.11 9.90 20.51
CA LEU B 241 11.89 10.92 21.20
C LEU B 241 13.28 10.43 21.61
N ASP B 242 13.37 9.22 22.14
CA ASP B 242 14.67 8.64 22.45
CA ASP B 242 14.69 8.68 22.46
C ASP B 242 15.54 8.57 21.19
N ILE B 243 14.93 8.09 20.10
CA ILE B 243 15.65 8.01 18.84
C ILE B 243 16.20 9.40 18.44
N TYR B 244 15.36 10.44 18.57
CA TYR B 244 15.79 11.80 18.25
C TYR B 244 16.96 12.28 19.11
N LYS B 245 16.89 12.08 20.42
CA LYS B 245 17.98 12.50 21.31
C LYS B 245 19.28 11.82 20.92
N LYS B 246 19.22 10.52 20.65
CA LYS B 246 20.42 9.77 20.29
C LYS B 246 21.00 10.26 18.97
N PHE B 247 20.12 10.63 18.04
CA PHE B 247 20.54 11.21 16.76
C PHE B 247 21.28 12.52 17.01
N LEU B 248 20.69 13.37 17.84
CA LEU B 248 21.30 14.66 18.17
C LEU B 248 22.69 14.52 18.83
N THR B 249 22.84 13.55 19.73
CA THR B 249 24.08 13.42 20.48
C THR B 249 25.21 12.87 19.62
N ARG B 250 24.87 12.44 18.41
CA ARG B 250 25.85 11.79 17.53
C ARG B 250 26.39 12.73 16.47
N MET B 251 25.79 13.90 16.38
CA MET B 251 26.11 14.84 15.33
C MET B 251 27.59 15.24 15.33
N THR B 252 28.13 15.57 16.50
CA THR B 252 29.54 15.96 16.59
C THR B 252 30.48 14.83 16.13
N ARG B 253 30.19 13.59 16.51
CA ARG B 253 31.00 12.44 16.09
CA ARG B 253 31.02 12.46 16.08
C ARG B 253 30.92 12.26 14.58
N ILE B 254 29.71 12.34 14.06
CA ILE B 254 29.54 12.17 12.63
C ILE B 254 30.28 13.27 11.85
N SER B 255 30.22 14.50 12.37
CA SER B 255 30.91 15.64 11.79
C SER B 255 32.43 15.39 11.76
N GLU B 256 32.97 14.93 12.89
CA GLU B 256 34.39 14.62 12.97
C GLU B 256 34.79 13.54 11.96
N PHE B 257 33.94 12.53 11.83
CA PHE B 257 34.20 11.46 10.88
C PHE B 257 34.32 11.97 9.44
N LEU B 258 33.36 12.80 9.04
CA LEU B 258 33.36 13.37 7.70
C LEU B 258 34.57 14.29 7.48
N LYS B 259 34.92 15.07 8.50
CA LYS B 259 36.09 15.94 8.45
C LYS B 259 37.35 15.12 8.16
N VAL B 260 37.53 14.02 8.88
CA VAL B 260 38.70 13.17 8.68
C VAL B 260 38.75 12.62 7.25
N ALA B 261 37.62 12.13 6.77
CA ALA B 261 37.53 11.57 5.43
C ALA B 261 37.89 12.62 4.36
N GLU B 262 37.55 13.88 4.62
CA GLU B 262 37.87 14.95 3.67
C GLU B 262 39.35 15.31 3.73
N GLN B 263 39.90 15.36 4.93
CA GLN B 263 41.33 15.68 5.10
C GLN B 263 42.20 14.71 4.32
N VAL B 264 41.79 13.44 4.24
CA VAL B 264 42.58 12.43 3.55
C VAL B 264 42.20 12.31 2.08
N GLY B 265 41.17 13.04 1.67
CA GLY B 265 40.73 13.03 0.28
C GLY B 265 40.31 11.67 -0.23
N ASN B 284 31.07 12.99 -7.95
CA ASN B 284 29.80 12.39 -7.57
C ASN B 284 29.79 11.95 -6.11
N LEU B 285 30.98 11.74 -5.56
CA LEU B 285 31.12 11.30 -4.18
C LEU B 285 31.09 12.49 -3.23
N GLN B 286 31.78 13.57 -3.62
CA GLN B 286 31.71 14.82 -2.88
C GLN B 286 30.26 15.24 -2.76
N SER B 287 29.48 14.90 -3.79
CA SER B 287 28.08 15.27 -3.86
C SER B 287 27.24 14.45 -2.89
N GLU B 288 27.55 13.16 -2.78
CA GLU B 288 26.81 12.29 -1.86
C GLU B 288 27.09 12.68 -0.43
N VAL B 289 28.35 12.97 -0.14
CA VAL B 289 28.76 13.49 1.16
C VAL B 289 28.05 14.80 1.47
N GLU B 290 28.03 15.69 0.50
CA GLU B 290 27.40 16.99 0.66
C GLU B 290 25.93 16.78 1.02
N GLY B 291 25.29 15.85 0.31
CA GLY B 291 23.90 15.52 0.56
C GLY B 291 23.67 15.00 1.96
N VAL B 292 24.59 14.17 2.45
CA VAL B 292 24.48 13.66 3.81
C VAL B 292 24.47 14.80 4.81
N LYS B 293 25.41 15.72 4.66
CA LYS B 293 25.50 16.88 5.54
C LYS B 293 24.25 17.74 5.48
N ASN B 294 23.72 17.95 4.28
CA ASN B 294 22.57 18.84 4.09
C ASN B 294 21.33 18.27 4.78
N ILE B 295 21.16 16.96 4.70
CA ILE B 295 19.99 16.30 5.27
C ILE B 295 20.04 16.17 6.79
N MET B 296 21.21 15.88 7.34
CA MET B 296 21.36 15.83 8.79
C MET B 296 21.04 17.17 9.43
N THR B 297 21.55 18.25 8.85
CA THR B 297 21.26 19.58 9.37
C THR B 297 19.77 19.85 9.29
N GLN B 298 19.17 19.50 8.15
CA GLN B 298 17.73 19.66 7.97
C GLN B 298 16.95 18.88 9.03
N ASN B 299 17.39 17.65 9.30
CA ASN B 299 16.78 16.81 10.31
C ASN B 299 16.91 17.41 11.72
N VAL B 300 18.12 17.84 12.06
CA VAL B 300 18.37 18.51 13.34
C VAL B 300 17.42 19.68 13.55
N GLU B 301 17.31 20.56 12.56
CA GLU B 301 16.37 21.66 12.61
C GLU B 301 14.93 21.23 12.85
N ARG B 302 14.49 20.16 12.19
CA ARG B 302 13.11 19.71 12.34
C ARG B 302 12.89 19.18 13.75
N ILE B 303 13.87 18.43 14.24
CA ILE B 303 13.80 17.84 15.57
C ILE B 303 13.73 18.96 16.62
N LEU B 304 14.65 19.92 16.54
CA LEU B 304 14.70 21.02 17.50
C LEU B 304 13.44 21.88 17.45
N ALA B 305 12.94 22.15 16.26
CA ALA B 305 11.70 22.93 16.13
C ALA B 305 10.53 22.25 16.87
N ARG B 306 10.57 20.93 16.97
CA ARG B 306 9.54 20.16 17.68
C ARG B 306 9.66 20.34 19.19
N GLY B 307 10.89 20.42 19.68
CA GLY B 307 11.14 20.49 21.10
C GLY B 307 10.84 21.85 21.70
N SER C 12 -46.67 -26.63 29.63
CA SER C 12 -45.50 -27.02 28.86
C SER C 12 -45.13 -25.98 27.79
N LEU C 13 -46.11 -25.52 27.01
CA LEU C 13 -45.84 -24.39 26.10
C LEU C 13 -45.45 -23.18 26.94
N THR C 14 -46.18 -22.99 28.04
CA THR C 14 -45.88 -21.94 29.02
C THR C 14 -44.49 -22.16 29.61
N ASP C 15 -44.13 -23.43 29.81
CA ASP C 15 -42.82 -23.79 30.35
C ASP C 15 -41.73 -23.45 29.34
N ARG C 16 -41.95 -23.84 28.09
CA ARG C 16 -40.98 -23.59 27.02
C ARG C 16 -40.77 -22.10 26.81
N ILE C 17 -41.84 -21.33 26.99
CA ILE C 17 -41.75 -19.89 26.86
C ILE C 17 -40.99 -19.25 28.02
N THR C 18 -41.33 -19.63 29.26
CA THR C 18 -40.62 -19.13 30.42
C THR C 18 -39.13 -19.49 30.36
N ALA C 19 -38.84 -20.74 29.97
CA ALA C 19 -37.47 -21.17 29.74
C ALA C 19 -36.77 -20.23 28.77
N ALA C 20 -37.46 -19.89 27.69
CA ALA C 20 -36.88 -19.03 26.66
C ALA C 20 -36.64 -17.60 27.16
N GLN C 21 -37.49 -17.16 28.08
CA GLN C 21 -37.35 -15.82 28.65
C GLN C 21 -36.19 -15.74 29.63
N HIS C 22 -35.61 -16.89 29.97
CA HIS C 22 -34.47 -16.95 30.87
C HIS C 22 -33.19 -17.31 30.13
N SER C 23 -33.33 -17.62 28.84
CA SER C 23 -32.19 -18.01 28.02
C SER C 23 -31.49 -16.77 27.47
N VAL C 24 -30.17 -16.86 27.35
CA VAL C 24 -29.37 -15.74 26.86
C VAL C 24 -28.77 -16.08 25.51
N THR C 25 -29.12 -17.26 24.99
CA THR C 25 -28.59 -17.73 23.73
C THR C 25 -28.84 -16.74 22.60
N GLY C 26 -30.11 -16.38 22.41
CA GLY C 26 -30.49 -15.49 21.33
C GLY C 26 -29.81 -14.13 21.41
N SER C 27 -29.70 -13.63 22.62
CA SER C 27 -29.05 -12.34 22.89
C SER C 27 -27.56 -12.39 22.58
N ALA C 28 -26.91 -13.50 22.93
CA ALA C 28 -25.51 -13.72 22.60
C ALA C 28 -25.32 -13.77 21.08
N VAL C 29 -26.23 -14.44 20.39
CA VAL C 29 -26.15 -14.54 18.93
C VAL C 29 -26.30 -13.15 18.31
N SER C 30 -27.28 -12.39 18.76
CA SER C 30 -27.52 -11.06 18.23
C SER C 30 -26.34 -10.12 18.45
N LYS C 31 -25.74 -10.17 19.64
CA LYS C 31 -24.56 -9.36 19.93
C LYS C 31 -23.40 -9.68 18.99
N THR C 32 -23.22 -10.95 18.69
CA THR C 32 -22.14 -11.36 17.79
C THR C 32 -22.41 -10.90 16.35
N VAL C 33 -23.67 -10.97 15.93
CA VAL C 33 -24.04 -10.42 14.63
C VAL C 33 -23.67 -8.92 14.57
N CYS C 34 -23.93 -8.20 15.65
CA CYS C 34 -23.56 -6.79 15.72
C CYS C 34 -22.05 -6.59 15.64
N LYS C 35 -21.30 -7.43 16.35
CA LYS C 35 -19.84 -7.36 16.31
C LYS C 35 -19.29 -7.70 14.92
N ALA C 36 -20.01 -8.56 14.18
CA ALA C 36 -19.59 -8.93 12.84
C ALA C 36 -19.91 -7.82 11.84
N THR C 37 -20.72 -6.85 12.26
CA THR C 37 -21.26 -5.87 11.33
C THR C 37 -21.11 -4.44 11.84
N THR C 38 -20.00 -4.17 12.52
CA THR C 38 -19.70 -2.81 12.98
C THR C 38 -19.39 -1.87 11.82
N HIS C 39 -19.24 -0.60 12.17
CA HIS C 39 -18.98 0.47 11.20
C HIS C 39 -17.54 0.46 10.72
N GLU C 40 -16.74 -0.44 11.28
CA GLU C 40 -15.33 -0.52 10.91
C GLU C 40 -15.20 -0.99 9.46
N ILE C 41 -14.43 -0.25 8.66
CA ILE C 41 -14.27 -0.60 7.26
C ILE C 41 -13.24 -1.72 7.09
N MET C 42 -13.68 -2.94 7.36
CA MET C 42 -12.88 -4.14 7.21
C MET C 42 -13.89 -5.28 7.11
N GLY C 43 -13.44 -6.44 6.65
CA GLY C 43 -14.33 -7.58 6.63
C GLY C 43 -14.77 -7.96 8.04
N PRO C 44 -15.91 -8.66 8.16
CA PRO C 44 -16.29 -9.23 9.45
C PRO C 44 -15.14 -10.07 10.01
N LYS C 45 -14.84 -9.89 11.30
CA LYS C 45 -13.71 -10.61 11.91
C LYS C 45 -13.94 -12.11 11.98
N LYS C 46 -12.87 -12.86 11.76
CA LYS C 46 -12.95 -14.33 11.79
C LYS C 46 -13.51 -14.88 13.10
N LYS C 47 -13.12 -14.29 14.23
CA LYS C 47 -13.58 -14.80 15.51
C LYS C 47 -15.10 -14.74 15.64
N HIS C 48 -15.69 -13.66 15.13
CA HIS C 48 -17.15 -13.55 15.16
C HIS C 48 -17.81 -14.48 14.15
N LEU C 49 -17.23 -14.59 12.95
CA LEU C 49 -17.77 -15.51 11.96
C LEU C 49 -17.72 -16.95 12.46
N ASP C 50 -16.61 -17.31 13.11
CA ASP C 50 -16.44 -18.67 13.63
C ASP C 50 -17.45 -18.98 14.72
N TYR C 51 -17.69 -18.02 15.60
CA TYR C 51 -18.68 -18.16 16.64
C TYR C 51 -20.06 -18.41 16.04
N LEU C 52 -20.40 -17.60 15.02
CA LEU C 52 -21.70 -17.75 14.36
C LEU C 52 -21.81 -19.08 13.61
N ILE C 53 -20.70 -19.52 13.01
CA ILE C 53 -20.68 -20.85 12.38
C ILE C 53 -21.02 -21.94 13.42
N GLN C 54 -20.38 -21.86 14.59
CA GLN C 54 -20.67 -22.83 15.64
C GLN C 54 -22.13 -22.75 16.11
N CYS C 55 -22.66 -21.54 16.20
CA CYS C 55 -24.08 -21.36 16.48
C CYS C 55 -24.97 -22.16 15.53
N THR C 56 -24.65 -22.13 14.23
CA THR C 56 -25.47 -22.85 13.26
C THR C 56 -25.41 -24.36 13.46
N ASN C 57 -24.41 -24.83 14.20
CA ASN C 57 -24.29 -26.24 14.53
C ASN C 57 -25.06 -26.63 15.81
N GLU C 58 -25.47 -25.63 16.59
CA GLU C 58 -26.12 -25.86 17.87
C GLU C 58 -27.64 -25.97 17.74
N MET C 59 -28.20 -27.10 18.17
CA MET C 59 -29.63 -27.31 18.05
C MET C 59 -30.44 -26.39 18.97
N ASN C 60 -29.78 -25.86 20.00
CA ASN C 60 -30.39 -24.91 20.91
C ASN C 60 -30.47 -23.48 20.34
N VAL C 61 -29.86 -23.25 19.18
CA VAL C 61 -29.89 -21.94 18.56
C VAL C 61 -31.11 -21.76 17.64
N ASN C 62 -31.83 -20.66 17.81
CA ASN C 62 -32.96 -20.31 16.95
C ASN C 62 -32.46 -19.70 15.63
N ILE C 63 -32.40 -20.52 14.59
CA ILE C 63 -31.89 -20.12 13.28
C ILE C 63 -32.66 -18.96 12.61
N PRO C 64 -34.00 -19.05 12.58
CA PRO C 64 -34.74 -17.91 12.02
C PRO C 64 -34.47 -16.61 12.78
N GLN C 65 -34.24 -16.69 14.10
CA GLN C 65 -33.95 -15.50 14.88
C GLN C 65 -32.55 -14.97 14.51
N LEU C 66 -31.61 -15.87 14.28
CA LEU C 66 -30.28 -15.46 13.84
C LEU C 66 -30.38 -14.75 12.49
N ALA C 67 -31.14 -15.33 11.57
CA ALA C 67 -31.38 -14.68 10.28
C ALA C 67 -32.06 -13.31 10.45
N ASP C 68 -33.07 -13.24 11.31
CA ASP C 68 -33.73 -11.96 11.59
C ASP C 68 -32.74 -10.86 11.96
N SER C 69 -31.75 -11.20 12.79
CA SER C 69 -30.74 -10.23 13.22
C SER C 69 -29.92 -9.70 12.04
N LEU C 70 -29.57 -10.59 11.12
CA LEU C 70 -28.82 -10.19 9.93
C LEU C 70 -29.66 -9.30 9.01
N PHE C 71 -30.93 -9.67 8.80
CA PHE C 71 -31.82 -8.84 8.00
C PHE C 71 -31.98 -7.47 8.65
N GLU C 72 -32.10 -7.47 9.97
CA GLU C 72 -32.25 -6.21 10.69
C GLU C 72 -31.07 -5.27 10.45
N ARG C 73 -29.84 -5.81 10.51
CA ARG C 73 -28.66 -5.00 10.22
C ARG C 73 -28.67 -4.44 8.79
N THR C 74 -29.31 -5.11 7.85
CA THR C 74 -29.37 -4.57 6.49
C THR C 74 -30.34 -3.39 6.36
N THR C 75 -31.03 -3.03 7.44
CA THR C 75 -31.87 -1.83 7.41
C THR C 75 -31.09 -0.60 7.87
N ASN C 76 -29.82 -0.80 8.23
CA ASN C 76 -28.96 0.31 8.63
C ASN C 76 -28.76 1.27 7.44
N SER C 77 -28.52 2.53 7.74
CA SER C 77 -28.24 3.53 6.68
C SER C 77 -26.80 3.48 6.18
N SER C 78 -25.89 2.93 6.99
CA SER C 78 -24.49 2.81 6.60
C SER C 78 -24.20 1.67 5.63
N TRP C 79 -23.52 1.98 4.52
CA TRP C 79 -23.11 0.93 3.58
C TRP C 79 -22.22 -0.10 4.25
N VAL C 80 -21.41 0.35 5.21
CA VAL C 80 -20.46 -0.55 5.86
C VAL C 80 -21.20 -1.66 6.62
N VAL C 81 -22.15 -1.25 7.45
CA VAL C 81 -22.95 -2.19 8.22
C VAL C 81 -23.75 -3.13 7.32
N VAL C 82 -24.39 -2.56 6.30
CA VAL C 82 -25.22 -3.34 5.39
C VAL C 82 -24.39 -4.36 4.62
N PHE C 83 -23.26 -3.91 4.06
CA PHE C 83 -22.42 -4.79 3.25
C PHE C 83 -21.88 -5.92 4.14
N LYS C 84 -21.46 -5.57 5.35
CA LYS C 84 -20.91 -6.58 6.25
C LYS C 84 -21.94 -7.62 6.69
N SER C 85 -23.20 -7.20 6.81
CA SER C 85 -24.26 -8.14 7.15
C SER C 85 -24.51 -9.13 6.00
N LEU C 86 -24.50 -8.61 4.78
CA LEU C 86 -24.59 -9.46 3.59
C LEU C 86 -23.43 -10.45 3.57
N ILE C 87 -22.21 -9.95 3.80
CA ILE C 87 -21.03 -10.81 3.80
C ILE C 87 -21.12 -11.93 4.85
N THR C 88 -21.54 -11.55 6.06
CA THR C 88 -21.73 -12.51 7.15
C THR C 88 -22.75 -13.58 6.77
N THR C 89 -23.87 -13.14 6.18
CA THR C 89 -24.89 -14.08 5.71
C THR C 89 -24.30 -15.04 4.67
N HIS C 90 -23.58 -14.48 3.70
CA HIS C 90 -22.94 -15.29 2.66
C HIS C 90 -21.96 -16.29 3.26
N HIS C 91 -21.14 -15.81 4.19
CA HIS C 91 -20.16 -16.65 4.87
C HIS C 91 -20.85 -17.83 5.59
N LEU C 92 -21.98 -17.56 6.23
CA LEU C 92 -22.73 -18.62 6.92
C LEU C 92 -23.38 -19.59 5.91
N MET C 93 -23.83 -19.09 4.77
CA MET C 93 -24.40 -19.96 3.74
C MET C 93 -23.33 -20.92 3.22
N VAL C 94 -22.09 -20.43 3.16
CA VAL C 94 -20.99 -21.23 2.59
C VAL C 94 -20.36 -22.16 3.61
N TYR C 95 -20.07 -21.64 4.80
CA TYR C 95 -19.27 -22.37 5.79
C TYR C 95 -20.07 -22.84 6.99
N GLY C 96 -21.30 -22.35 7.13
CA GLY C 96 -22.13 -22.73 8.27
C GLY C 96 -22.82 -24.06 8.04
N ASN C 97 -23.44 -24.59 9.09
CA ASN C 97 -24.29 -25.76 8.96
C ASN C 97 -25.32 -25.56 7.84
N GLU C 98 -25.54 -26.60 7.03
CA GLU C 98 -26.44 -26.47 5.88
C GLU C 98 -27.87 -26.10 6.27
N ARG C 99 -28.22 -26.26 7.54
CA ARG C 99 -29.55 -25.86 7.94
C ARG C 99 -29.76 -24.35 7.85
N PHE C 100 -28.67 -23.58 7.83
CA PHE C 100 -28.79 -22.13 7.66
C PHE C 100 -29.26 -21.76 6.26
N ILE C 101 -28.56 -22.22 5.22
CA ILE C 101 -29.01 -21.92 3.88
C ILE C 101 -30.37 -22.57 3.58
N GLN C 102 -30.60 -23.75 4.17
CA GLN C 102 -31.88 -24.44 4.02
C GLN C 102 -33.00 -23.56 4.57
N TYR C 103 -32.74 -22.96 5.73
CA TYR C 103 -33.72 -22.03 6.29
C TYR C 103 -33.95 -20.81 5.38
N LEU C 104 -32.88 -20.18 4.90
CA LEU C 104 -33.05 -19.00 4.04
C LEU C 104 -33.85 -19.35 2.78
N ALA C 105 -33.59 -20.54 2.24
CA ALA C 105 -34.31 -21.02 1.06
C ALA C 105 -35.80 -21.17 1.33
N SER C 106 -36.16 -21.42 2.59
CA SER C 106 -37.56 -21.64 2.96
C SER C 106 -38.30 -20.33 3.21
N ARG C 107 -37.59 -19.22 3.25
CA ARG C 107 -38.24 -17.93 3.50
C ARG C 107 -38.89 -17.41 2.25
N ASN C 108 -39.96 -16.62 2.42
CA ASN C 108 -40.61 -16.03 1.25
C ASN C 108 -40.26 -14.56 1.07
N THR C 109 -39.61 -13.99 2.07
CA THR C 109 -39.04 -12.65 1.96
C THR C 109 -37.55 -12.69 2.33
N LEU C 110 -36.71 -12.13 1.47
CA LEU C 110 -35.27 -12.16 1.69
C LEU C 110 -34.73 -10.72 1.76
N PHE C 111 -33.57 -10.43 1.18
CA PHE C 111 -33.07 -9.06 1.22
C PHE C 111 -33.84 -8.14 0.28
N ASN C 112 -34.14 -6.93 0.74
CA ASN C 112 -34.75 -5.94 -0.15
C ASN C 112 -33.94 -4.67 -0.20
N LEU C 113 -32.85 -4.70 -0.96
CA LEU C 113 -31.92 -3.57 -0.98
C LEU C 113 -31.84 -2.93 -2.35
N SER C 114 -32.88 -3.11 -3.16
CA SER C 114 -32.83 -2.65 -4.55
C SER C 114 -32.84 -1.11 -4.65
N ASN C 115 -33.27 -0.45 -3.58
CA ASN C 115 -33.24 1.01 -3.53
C ASN C 115 -32.21 1.52 -2.54
N PHE C 116 -31.29 0.65 -2.12
CA PHE C 116 -30.30 1.09 -1.14
C PHE C 116 -29.36 2.14 -1.72
N LEU C 117 -29.18 3.23 -0.99
CA LEU C 117 -28.23 4.25 -1.39
C LEU C 117 -27.74 4.98 -0.16
N ASP C 118 -26.46 4.80 0.15
CA ASP C 118 -25.80 5.56 1.21
C ASP C 118 -25.23 6.83 0.59
N LYS C 119 -25.75 7.97 1.04
CA LYS C 119 -25.38 9.26 0.46
C LYS C 119 -24.27 9.97 1.22
N SER C 120 -23.57 9.27 2.11
CA SER C 120 -22.59 9.93 2.97
C SER C 120 -21.42 10.52 2.16
N GLY C 121 -21.09 9.89 1.04
CA GLY C 121 -20.01 10.40 0.19
C GLY C 121 -19.91 9.56 -1.08
N LEU C 122 -18.93 9.85 -1.93
CA LEU C 122 -18.80 9.10 -3.18
C LEU C 122 -18.50 7.62 -2.94
N GLN C 123 -17.82 7.31 -1.84
CA GLN C 123 -17.56 5.91 -1.50
C GLN C 123 -18.88 5.20 -1.14
N GLY C 124 -19.73 5.91 -0.39
CA GLY C 124 -21.06 5.42 -0.08
C GLY C 124 -21.88 5.12 -1.32
N TYR C 125 -21.93 6.07 -2.25
CA TYR C 125 -22.62 5.87 -3.54
C TYR C 125 -22.09 4.67 -4.32
N ASP C 126 -20.77 4.56 -4.48
CA ASP C 126 -20.18 3.44 -5.22
C ASP C 126 -20.43 2.10 -4.53
N MET C 127 -20.20 2.04 -3.23
CA MET C 127 -20.40 0.78 -2.52
C MET C 127 -21.87 0.36 -2.56
N SER C 128 -22.76 1.34 -2.63
CA SER C 128 -24.20 1.08 -2.70
C SER C 128 -24.55 0.26 -3.94
N THR C 129 -23.90 0.59 -5.05
CA THR C 129 -24.07 -0.21 -6.26
C THR C 129 -23.72 -1.68 -6.02
N PHE C 130 -22.59 -1.94 -5.38
CA PHE C 130 -22.17 -3.32 -5.16
C PHE C 130 -23.07 -4.04 -4.16
N ILE C 131 -23.57 -3.28 -3.20
CA ILE C 131 -24.51 -3.82 -2.21
C ILE C 131 -25.80 -4.30 -2.89
N ARG C 132 -26.35 -3.49 -3.79
CA ARG C 132 -27.54 -3.89 -4.53
C ARG C 132 -27.32 -5.17 -5.34
N ARG C 133 -26.17 -5.26 -6.00
CA ARG C 133 -25.84 -6.43 -6.83
C ARG C 133 -25.60 -7.67 -5.96
N TYR C 134 -24.87 -7.49 -4.86
CA TYR C 134 -24.50 -8.60 -3.98
C TYR C 134 -25.76 -9.17 -3.32
N SER C 135 -26.63 -8.27 -2.86
CA SER C 135 -27.87 -8.71 -2.24
CA SER C 135 -27.91 -8.65 -2.26
C SER C 135 -28.75 -9.50 -3.20
N ARG C 136 -28.80 -9.09 -4.47
CA ARG C 136 -29.54 -9.84 -5.47
CA ARG C 136 -29.54 -9.84 -5.47
C ARG C 136 -28.92 -11.23 -5.65
N TYR C 137 -27.59 -11.30 -5.64
CA TYR C 137 -26.92 -12.60 -5.75
C TYR C 137 -27.28 -13.51 -4.58
N LEU C 138 -27.25 -12.97 -3.35
CA LEU C 138 -27.55 -13.79 -2.18
C LEU C 138 -29.01 -14.25 -2.21
N ASN C 139 -29.91 -13.36 -2.62
CA ASN C 139 -31.30 -13.76 -2.80
C ASN C 139 -31.41 -14.95 -3.78
N GLU C 140 -30.69 -14.87 -4.90
CA GLU C 140 -30.79 -15.91 -5.94
C GLU C 140 -30.14 -17.21 -5.49
N LYS C 141 -29.12 -17.09 -4.66
CA LYS C 141 -28.48 -18.25 -4.07
C LYS C 141 -29.48 -19.01 -3.19
N ALA C 142 -30.24 -18.29 -2.38
CA ALA C 142 -31.31 -18.91 -1.57
C ALA C 142 -32.42 -19.49 -2.45
N VAL C 143 -32.86 -18.72 -3.45
CA VAL C 143 -33.93 -19.17 -4.35
C VAL C 143 -33.51 -20.42 -5.15
N SER C 144 -32.27 -20.45 -5.59
CA SER C 144 -31.72 -21.61 -6.30
C SER C 144 -31.81 -22.86 -5.44
N TYR C 145 -31.39 -22.74 -4.18
CA TYR C 145 -31.49 -23.85 -3.24
C TYR C 145 -32.96 -24.27 -3.06
N ARG C 146 -33.85 -23.28 -2.93
CA ARG C 146 -35.29 -23.53 -2.80
C ARG C 146 -35.81 -24.31 -4.01
N GLN C 147 -35.38 -23.94 -5.21
CA GLN C 147 -35.92 -24.55 -6.42
C GLN C 147 -35.46 -25.98 -6.69
N VAL C 148 -34.24 -26.31 -6.30
CA VAL C 148 -33.72 -27.65 -6.58
C VAL C 148 -33.49 -28.48 -5.31
N ALA C 149 -33.55 -27.83 -4.15
CA ALA C 149 -33.39 -28.50 -2.85
C ALA C 149 -31.98 -29.01 -2.59
N PHE C 150 -31.00 -28.39 -3.22
CA PHE C 150 -29.60 -28.61 -2.86
C PHE C 150 -28.77 -27.40 -3.29
N ASP C 151 -27.54 -27.37 -2.83
CA ASP C 151 -26.61 -26.28 -3.12
C ASP C 151 -25.65 -26.69 -4.25
N PHE C 152 -25.75 -26.02 -5.40
CA PHE C 152 -24.90 -26.33 -6.55
C PHE C 152 -23.41 -26.35 -6.20
N THR C 153 -23.01 -25.55 -5.21
CA THR C 153 -21.59 -25.41 -4.93
C THR C 153 -21.09 -26.47 -3.96
N LYS C 154 -21.98 -27.31 -3.45
CA LYS C 154 -21.61 -28.29 -2.42
CA LYS C 154 -21.62 -28.28 -2.42
C LYS C 154 -21.73 -29.73 -2.90
N VAL C 155 -22.50 -29.97 -3.96
CA VAL C 155 -22.74 -31.35 -4.36
C VAL C 155 -21.53 -32.05 -4.99
N LYS C 156 -21.55 -33.37 -4.92
CA LYS C 156 -20.51 -34.22 -5.50
C LYS C 156 -20.36 -33.90 -6.99
N ARG C 157 -19.12 -33.80 -7.44
CA ARG C 157 -18.82 -33.54 -8.84
C ARG C 157 -18.20 -34.78 -9.49
N GLY C 158 -17.79 -34.64 -10.75
CA GLY C 158 -17.19 -35.75 -11.47
C GLY C 158 -18.24 -36.64 -12.10
N ALA C 159 -17.79 -37.70 -12.77
CA ALA C 159 -18.67 -38.55 -13.58
C ALA C 159 -19.75 -39.27 -12.77
N ASP C 160 -19.48 -39.47 -11.48
CA ASP C 160 -20.48 -40.09 -10.61
C ASP C 160 -21.24 -39.06 -9.79
N GLY C 161 -21.02 -37.79 -10.11
CA GLY C 161 -21.61 -36.70 -9.35
C GLY C 161 -23.02 -36.32 -9.76
N VAL C 162 -23.56 -35.31 -9.09
CA VAL C 162 -24.96 -34.93 -9.26
C VAL C 162 -25.29 -34.41 -10.66
N MET C 163 -24.54 -33.41 -11.13
CA MET C 163 -24.84 -32.79 -12.42
C MET C 163 -24.57 -33.72 -13.61
N ARG C 164 -23.57 -34.60 -13.48
CA ARG C 164 -23.20 -35.48 -14.58
C ARG C 164 -24.15 -36.68 -14.71
N THR C 165 -24.84 -37.06 -13.64
CA THR C 165 -25.68 -38.24 -13.66
C THR C 165 -27.17 -37.92 -13.70
N MET C 166 -27.51 -36.64 -13.63
CA MET C 166 -28.89 -36.22 -13.58
C MET C 166 -29.69 -36.68 -14.81
N ASN C 167 -30.93 -37.13 -14.60
CA ASN C 167 -31.78 -37.55 -15.72
C ASN C 167 -32.24 -36.37 -16.55
N THR C 168 -32.74 -36.66 -17.75
CA THR C 168 -32.99 -35.63 -18.76
C THR C 168 -33.97 -34.54 -18.33
N GLU C 169 -35.15 -34.92 -17.87
CA GLU C 169 -36.15 -33.93 -17.47
C GLU C 169 -35.66 -33.01 -16.35
N LYS C 170 -35.07 -33.60 -15.31
CA LYS C 170 -34.50 -32.79 -14.23
C LYS C 170 -33.37 -31.89 -14.73
N LEU C 171 -32.52 -32.45 -15.57
CA LEU C 171 -31.39 -31.70 -16.13
C LEU C 171 -31.86 -30.44 -16.84
N LEU C 172 -32.88 -30.59 -17.69
CA LEU C 172 -33.40 -29.46 -18.45
C LEU C 172 -34.01 -28.36 -17.57
N LYS C 173 -34.57 -28.75 -16.43
CA LYS C 173 -35.08 -27.77 -15.48
C LYS C 173 -33.99 -27.15 -14.63
N THR C 174 -32.93 -27.92 -14.41
CA THR C 174 -31.91 -27.55 -13.44
C THR C 174 -30.84 -26.60 -14.00
N VAL C 175 -30.38 -26.87 -15.20
CA VAL C 175 -29.32 -26.03 -15.78
C VAL C 175 -29.72 -24.55 -15.87
N PRO C 176 -30.97 -24.26 -16.27
CA PRO C 176 -31.38 -22.84 -16.31
C PRO C 176 -31.32 -22.19 -14.92
N ILE C 177 -31.50 -22.96 -13.85
CA ILE C 177 -31.40 -22.42 -12.49
CA ILE C 177 -31.40 -22.40 -12.50
C ILE C 177 -29.95 -22.09 -12.15
N ILE C 178 -29.03 -22.96 -12.55
CA ILE C 178 -27.60 -22.68 -12.39
C ILE C 178 -27.26 -21.40 -13.12
N GLN C 179 -27.79 -21.27 -14.33
CA GLN C 179 -27.52 -20.09 -15.14
C GLN C 179 -28.07 -18.80 -14.50
N ASN C 180 -29.27 -18.85 -13.92
CA ASN C 180 -29.81 -17.70 -13.16
C ASN C 180 -28.88 -17.28 -12.02
N GLN C 181 -28.42 -18.26 -11.24
CA GLN C 181 -27.56 -17.96 -10.11
C GLN C 181 -26.23 -17.38 -10.61
N MET C 182 -25.77 -17.92 -11.74
CA MET C 182 -24.54 -17.48 -12.39
CA MET C 182 -24.51 -17.45 -12.31
C MET C 182 -24.64 -16.03 -12.85
N ASP C 183 -25.77 -15.74 -13.50
CA ASP C 183 -26.00 -14.39 -13.99
C ASP C 183 -25.97 -13.37 -12.86
N ALA C 184 -26.61 -13.72 -11.74
CA ALA C 184 -26.65 -12.81 -10.60
C ALA C 184 -25.23 -12.62 -10.06
N LEU C 185 -24.45 -13.69 -10.04
CA LEU C 185 -23.05 -13.58 -9.61
C LEU C 185 -22.23 -12.69 -10.55
N LEU C 186 -22.38 -12.92 -11.86
CA LEU C 186 -21.65 -12.15 -12.86
C LEU C 186 -22.07 -10.68 -12.90
N ASP C 187 -23.28 -10.39 -12.43
CA ASP C 187 -23.76 -9.00 -12.37
C ASP C 187 -23.05 -8.14 -11.32
N PHE C 188 -22.34 -8.77 -10.38
CA PHE C 188 -21.53 -8.01 -9.41
C PHE C 188 -20.58 -7.08 -10.16
N ASN C 189 -19.89 -7.65 -11.14
CA ASN C 189 -19.14 -6.90 -12.14
C ASN C 189 -18.21 -5.82 -11.58
N VAL C 190 -17.26 -6.24 -10.75
CA VAL C 190 -16.32 -5.31 -10.14
C VAL C 190 -15.01 -5.33 -10.93
N ASN C 191 -14.36 -4.17 -11.08
CA ASN C 191 -13.03 -4.10 -11.69
C ASN C 191 -11.98 -4.32 -10.63
N SER C 192 -10.79 -4.77 -11.05
CA SER C 192 -9.71 -4.99 -10.11
C SER C 192 -9.35 -3.71 -9.36
N ASN C 193 -9.47 -2.57 -10.02
CA ASN C 193 -9.13 -1.30 -9.36
C ASN C 193 -10.24 -0.74 -8.47
N GLU C 194 -11.34 -1.47 -8.34
CA GLU C 194 -12.40 -1.09 -7.41
C GLU C 194 -12.34 -1.92 -6.13
N LEU C 195 -11.47 -2.92 -6.11
CA LEU C 195 -11.31 -3.75 -4.91
C LEU C 195 -10.31 -3.09 -3.97
N THR C 196 -10.75 -2.02 -3.33
CA THR C 196 -9.83 -1.15 -2.61
C THR C 196 -10.13 -1.01 -1.11
N ASN C 197 -11.06 -1.80 -0.60
CA ASN C 197 -11.27 -1.82 0.84
C ASN C 197 -11.60 -3.23 1.32
N GLY C 198 -11.42 -3.47 2.62
CA GLY C 198 -11.57 -4.80 3.17
C GLY C 198 -12.99 -5.35 3.12
N VAL C 199 -13.98 -4.47 3.04
CA VAL C 199 -15.37 -4.92 2.99
C VAL C 199 -15.68 -5.50 1.62
N ILE C 200 -15.47 -4.72 0.56
CA ILE C 200 -15.74 -5.23 -0.78
C ILE C 200 -14.82 -6.40 -1.16
N ASN C 201 -13.58 -6.39 -0.65
CA ASN C 201 -12.68 -7.51 -0.88
C ASN C 201 -13.16 -8.82 -0.25
N ALA C 202 -13.71 -8.73 0.97
CA ALA C 202 -14.28 -9.90 1.62
C ALA C 202 -15.45 -10.49 0.83
N ALA C 203 -16.30 -9.60 0.32
CA ALA C 203 -17.45 -10.03 -0.49
C ALA C 203 -16.94 -10.73 -1.74
N PHE C 204 -15.95 -10.13 -2.39
CA PHE C 204 -15.43 -10.68 -3.63
C PHE C 204 -14.77 -12.05 -3.45
N MET C 205 -14.08 -12.25 -2.32
CA MET C 205 -13.48 -13.55 -2.05
C MET C 205 -14.54 -14.65 -1.97
N LEU C 206 -15.66 -14.35 -1.32
CA LEU C 206 -16.75 -15.33 -1.20
C LEU C 206 -17.42 -15.57 -2.54
N LEU C 207 -17.57 -14.50 -3.33
CA LEU C 207 -18.13 -14.62 -4.66
C LEU C 207 -17.26 -15.49 -5.53
N PHE C 208 -15.94 -15.32 -5.39
CA PHE C 208 -15.00 -16.07 -6.21
C PHE C 208 -15.04 -17.55 -5.85
N LYS C 209 -15.07 -17.84 -4.56
CA LYS C 209 -15.25 -19.21 -4.09
C LYS C 209 -16.52 -19.87 -4.62
N ASP C 210 -17.66 -19.17 -4.55
CA ASP C 210 -18.91 -19.69 -5.11
C ASP C 210 -18.77 -19.89 -6.63
N ALA C 211 -18.15 -18.92 -7.28
CA ALA C 211 -18.08 -18.88 -8.75
C ALA C 211 -17.35 -20.10 -9.33
N ILE C 212 -16.21 -20.45 -8.73
CA ILE C 212 -15.43 -21.58 -9.22
C ILE C 212 -16.24 -22.87 -9.16
N ARG C 213 -17.02 -23.01 -8.08
CA ARG C 213 -17.85 -24.20 -7.91
C ARG C 213 -19.04 -24.16 -8.83
N LEU C 214 -19.59 -22.97 -9.00
CA LEU C 214 -20.75 -22.81 -9.84
C LEU C 214 -20.37 -23.05 -11.31
N PHE C 215 -19.21 -22.54 -11.72
CA PHE C 215 -18.74 -22.73 -13.09
C PHE C 215 -18.60 -24.22 -13.39
N ALA C 216 -18.06 -24.95 -12.43
CA ALA C 216 -17.90 -26.40 -12.58
C ALA C 216 -19.24 -27.12 -12.70
N ALA C 217 -20.21 -26.77 -11.85
CA ALA C 217 -21.54 -27.37 -11.92
C ALA C 217 -22.21 -27.07 -13.26
N TYR C 218 -22.01 -25.84 -13.73
CA TYR C 218 -22.56 -25.39 -15.00
C TYR C 218 -21.94 -26.23 -16.13
N ASN C 219 -20.62 -26.35 -16.12
CA ASN C 219 -19.91 -27.15 -17.13
C ASN C 219 -20.38 -28.60 -17.12
N GLU C 220 -20.60 -29.15 -15.94
CA GLU C 220 -21.04 -30.55 -15.83
C GLU C 220 -22.46 -30.75 -16.37
N GLY C 221 -23.32 -29.77 -16.13
CA GLY C 221 -24.67 -29.80 -16.69
C GLY C 221 -24.63 -29.72 -18.20
N ILE C 222 -23.76 -28.88 -18.75
CA ILE C 222 -23.58 -28.78 -20.18
C ILE C 222 -23.04 -30.09 -20.76
N ILE C 223 -22.07 -30.68 -20.09
CA ILE C 223 -21.52 -31.96 -20.54
C ILE C 223 -22.63 -33.02 -20.61
N ASN C 224 -23.47 -33.07 -19.58
CA ASN C 224 -24.54 -34.06 -19.51
C ASN C 224 -25.51 -33.86 -20.71
N LEU C 225 -25.89 -32.62 -20.95
CA LEU C 225 -26.74 -32.28 -22.08
C LEU C 225 -26.13 -32.71 -23.41
N LEU C 226 -24.85 -32.41 -23.60
CA LEU C 226 -24.12 -32.79 -24.80
C LEU C 226 -24.14 -34.30 -25.00
N GLU C 227 -24.04 -35.06 -23.91
CA GLU C 227 -24.03 -36.53 -23.99
C GLU C 227 -25.42 -37.07 -24.34
N LYS C 228 -26.46 -36.39 -23.86
CA LYS C 228 -27.82 -36.86 -24.04
C LYS C 228 -28.47 -36.38 -25.32
N TYR C 229 -27.90 -35.37 -25.94
CA TYR C 229 -28.64 -34.62 -26.96
C TYR C 229 -29.22 -35.47 -28.07
N PHE C 230 -28.47 -36.47 -28.54
CA PHE C 230 -28.91 -37.25 -29.70
C PHE C 230 -30.03 -38.22 -29.37
N ASP C 231 -30.30 -38.38 -28.08
CA ASP C 231 -31.29 -39.34 -27.62
C ASP C 231 -32.54 -38.59 -27.16
N MET C 232 -32.49 -37.27 -27.18
CA MET C 232 -33.60 -36.49 -26.64
C MET C 232 -34.74 -36.33 -27.64
N LYS C 233 -35.94 -36.11 -27.12
CA LYS C 233 -37.10 -35.78 -27.93
C LYS C 233 -36.97 -34.36 -28.49
N LYS C 234 -37.74 -34.06 -29.55
CA LYS C 234 -37.61 -32.78 -30.26
C LYS C 234 -37.71 -31.57 -29.32
N ASN C 235 -38.74 -31.52 -28.48
CA ASN C 235 -38.91 -30.39 -27.56
C ASN C 235 -37.80 -30.28 -26.54
N GLN C 236 -37.27 -31.42 -26.11
CA GLN C 236 -36.14 -31.42 -25.19
C GLN C 236 -34.91 -30.85 -25.89
N CYS C 237 -34.70 -31.25 -27.15
CA CYS C 237 -33.62 -30.69 -27.95
C CYS C 237 -33.73 -29.16 -28.06
N LYS C 238 -34.93 -28.64 -28.30
CA LYS C 238 -35.14 -27.20 -28.36
C LYS C 238 -34.71 -26.51 -27.07
N GLU C 239 -35.08 -27.11 -25.93
CA GLU C 239 -34.68 -26.54 -24.65
C GLU C 239 -33.18 -26.62 -24.47
N GLY C 240 -32.59 -27.73 -24.91
CA GLY C 240 -31.15 -27.89 -24.86
C GLY C 240 -30.44 -26.82 -25.67
N LEU C 241 -30.93 -26.57 -26.89
CA LEU C 241 -30.33 -25.53 -27.75
C LEU C 241 -30.40 -24.17 -27.10
N ASP C 242 -31.52 -23.87 -26.45
CA ASP C 242 -31.66 -22.59 -25.76
C ASP C 242 -30.63 -22.50 -24.65
N ILE C 243 -30.44 -23.59 -23.90
CA ILE C 243 -29.39 -23.65 -22.90
C ILE C 243 -27.99 -23.42 -23.50
N TYR C 244 -27.69 -24.05 -24.64
CA TYR C 244 -26.39 -23.86 -25.31
C TYR C 244 -26.17 -22.42 -25.72
N LYS C 245 -27.19 -21.80 -26.32
CA LYS C 245 -27.03 -20.42 -26.79
C LYS C 245 -26.74 -19.48 -25.61
N LYS C 246 -27.42 -19.68 -24.50
CA LYS C 246 -27.16 -18.86 -23.31
C LYS C 246 -25.77 -19.08 -22.72
N PHE C 247 -25.30 -20.31 -22.78
CA PHE C 247 -23.95 -20.65 -22.34
C PHE C 247 -22.93 -19.88 -23.19
N LEU C 248 -23.10 -19.94 -24.50
CA LEU C 248 -22.21 -19.25 -25.42
C LEU C 248 -22.13 -17.74 -25.19
N THR C 249 -23.28 -17.11 -24.94
CA THR C 249 -23.33 -15.67 -24.79
C THR C 249 -22.71 -15.21 -23.47
N ARG C 250 -22.49 -16.14 -22.56
CA ARG C 250 -21.95 -15.81 -21.23
C ARG C 250 -20.44 -15.96 -21.15
N MET C 251 -19.83 -16.47 -22.21
CA MET C 251 -18.40 -16.76 -22.21
C MET C 251 -17.53 -15.54 -21.98
N THR C 252 -17.79 -14.46 -22.70
CA THR C 252 -17.00 -13.23 -22.53
C THR C 252 -17.09 -12.68 -21.09
N ARG C 253 -18.28 -12.74 -20.49
CA ARG C 253 -18.44 -12.25 -19.11
C ARG C 253 -17.68 -13.14 -18.12
N ILE C 254 -17.76 -14.44 -18.34
CA ILE C 254 -17.06 -15.36 -17.47
C ILE C 254 -15.55 -15.16 -17.60
N SER C 255 -15.09 -14.97 -18.83
CA SER C 255 -13.68 -14.68 -19.09
C SER C 255 -13.21 -13.43 -18.34
N GLU C 256 -13.99 -12.36 -18.42
CA GLU C 256 -13.67 -11.12 -17.71
C GLU C 256 -13.63 -11.34 -16.21
N PHE C 257 -14.57 -12.12 -15.69
CA PHE C 257 -14.59 -12.41 -14.26
C PHE C 257 -13.30 -13.09 -13.80
N LEU C 258 -12.88 -14.12 -14.53
CA LEU C 258 -11.65 -14.85 -14.19
C LEU C 258 -10.41 -13.96 -14.31
N LYS C 259 -10.41 -13.08 -15.30
CA LYS C 259 -9.31 -12.14 -15.52
C LYS C 259 -9.16 -11.24 -14.29
N VAL C 260 -10.26 -10.67 -13.83
CA VAL C 260 -10.23 -9.82 -12.65
C VAL C 260 -9.69 -10.57 -11.44
N ALA C 261 -10.19 -11.78 -11.21
CA ALA C 261 -9.75 -12.58 -10.08
C ALA C 261 -8.24 -12.84 -10.10
N GLU C 262 -7.69 -13.01 -11.30
CA GLU C 262 -6.25 -13.25 -11.46
C GLU C 262 -5.44 -11.98 -11.23
N GLN C 263 -5.93 -10.86 -11.73
CA GLN C 263 -5.27 -9.58 -11.54
C GLN C 263 -5.08 -9.27 -10.05
N VAL C 264 -6.06 -9.64 -9.23
CA VAL C 264 -5.98 -9.36 -7.80
C VAL C 264 -5.29 -10.49 -7.02
N GLY C 265 -4.98 -11.58 -7.69
CA GLY C 265 -4.30 -12.70 -7.07
C GLY C 265 -5.08 -13.32 -5.92
N ARG C 283 -1.71 -22.24 -6.00
CA ARG C 283 -1.28 -23.17 -7.03
C ARG C 283 -2.38 -24.18 -7.39
N ASN C 284 -2.86 -24.91 -6.39
CA ASN C 284 -4.00 -25.79 -6.59
C ASN C 284 -5.23 -25.02 -7.06
N LEU C 285 -5.23 -23.71 -6.81
CA LEU C 285 -6.33 -22.85 -7.21
C LEU C 285 -6.17 -22.41 -8.65
N GLN C 286 -4.94 -22.04 -9.02
CA GLN C 286 -4.62 -21.74 -10.40
C GLN C 286 -5.01 -22.91 -11.28
N SER C 287 -4.90 -24.10 -10.72
CA SER C 287 -5.19 -25.34 -11.43
C SER C 287 -6.70 -25.52 -11.63
N GLU C 288 -7.49 -25.17 -10.62
CA GLU C 288 -8.95 -25.31 -10.70
C GLU C 288 -9.50 -24.31 -11.72
N VAL C 289 -8.99 -23.09 -11.66
CA VAL C 289 -9.29 -22.06 -12.65
C VAL C 289 -8.91 -22.52 -14.06
N GLU C 290 -7.71 -23.07 -14.19
CA GLU C 290 -7.25 -23.55 -15.48
C GLU C 290 -8.19 -24.61 -16.01
N GLY C 291 -8.61 -25.51 -15.11
CA GLY C 291 -9.58 -26.55 -15.46
C GLY C 291 -10.90 -25.98 -15.95
N VAL C 292 -11.38 -24.93 -15.29
CA VAL C 292 -12.62 -24.31 -15.71
C VAL C 292 -12.52 -23.77 -17.14
N LYS C 293 -11.44 -23.06 -17.43
CA LYS C 293 -11.20 -22.56 -18.78
C LYS C 293 -11.12 -23.68 -19.81
N ASN C 294 -10.40 -24.75 -19.47
CA ASN C 294 -10.20 -25.84 -20.43
C ASN C 294 -11.52 -26.52 -20.74
N ILE C 295 -12.34 -26.70 -19.71
CA ILE C 295 -13.61 -27.38 -19.91
C ILE C 295 -14.63 -26.51 -20.63
N MET C 296 -14.70 -25.23 -20.27
CA MET C 296 -15.57 -24.31 -21.01
C MET C 296 -15.20 -24.24 -22.49
N THR C 297 -13.90 -24.15 -22.78
CA THR C 297 -13.47 -24.11 -24.17
C THR C 297 -13.84 -25.41 -24.87
N GLN C 298 -13.62 -26.53 -24.20
CA GLN C 298 -14.00 -27.83 -24.73
C GLN C 298 -15.50 -27.91 -25.02
N ASN C 299 -16.31 -27.40 -24.09
CA ASN C 299 -17.75 -27.35 -24.25
C ASN C 299 -18.17 -26.46 -25.41
N VAL C 300 -17.58 -25.28 -25.49
CA VAL C 300 -17.84 -24.37 -26.63
C VAL C 300 -17.58 -25.08 -27.96
N GLU C 301 -16.41 -25.71 -28.08
CA GLU C 301 -16.07 -26.45 -29.30
C GLU C 301 -17.12 -27.53 -29.63
N ARG C 302 -17.59 -28.25 -28.62
CA ARG C 302 -18.58 -29.31 -28.85
C ARG C 302 -19.89 -28.72 -29.31
N ILE C 303 -20.30 -27.63 -28.68
CA ILE C 303 -21.53 -26.96 -29.04
C ILE C 303 -21.48 -26.42 -30.46
N LEU C 304 -20.41 -25.71 -30.79
CA LEU C 304 -20.24 -25.15 -32.14
C LEU C 304 -20.24 -26.24 -33.21
N ALA C 305 -19.76 -27.43 -32.86
CA ALA C 305 -19.76 -28.53 -33.83
C ALA C 305 -21.19 -29.04 -34.10
N ARG C 306 -22.12 -28.84 -33.16
CA ARG C 306 -23.51 -29.28 -33.36
C ARG C 306 -24.28 -28.34 -34.29
N GLY C 307 -23.74 -27.14 -34.48
CA GLY C 307 -24.42 -26.11 -35.24
C GLY C 307 -23.77 -25.85 -36.59
N GLU C 308 -23.03 -26.83 -37.08
CA GLU C 308 -22.41 -26.72 -38.39
C GLU C 308 -23.47 -26.69 -39.49
C1 GOL D . -0.61 15.11 11.37
O1 GOL D . -0.20 14.22 10.35
C2 GOL D . -2.13 15.10 11.50
O2 GOL D . -2.72 15.95 10.54
C3 GOL D . -2.53 15.60 12.89
O3 GOL D . -3.61 14.81 13.40
C1 GOL E . 5.26 32.88 -7.10
O1 GOL E . 5.99 33.79 -6.29
C2 GOL E . 5.64 31.44 -6.73
O2 GOL E . 5.81 31.39 -5.34
C3 GOL E . 6.97 31.08 -7.38
O3 GOL E . 6.77 30.26 -8.52
P PO4 F . -16.89 12.86 6.49
O1 PO4 F . -15.86 11.75 6.61
O2 PO4 F . -16.22 14.20 6.73
O3 PO4 F . -17.51 12.85 5.12
O4 PO4 F . -17.95 12.65 7.55
P PO4 G . -1.20 40.28 12.66
O1 PO4 G . -1.19 40.14 14.17
O2 PO4 G . -2.16 41.36 12.24
O3 PO4 G . 0.20 40.63 12.19
O4 PO4 G . -1.63 38.96 12.06
P PO4 H . -4.60 33.26 18.90
O1 PO4 H . -4.57 33.01 20.40
O2 PO4 H . -5.93 33.85 18.48
O3 PO4 H . -3.50 34.24 18.55
O4 PO4 H . -4.39 31.94 18.19
C1 GOL I . 37.75 -16.51 15.92
O1 GOL I . 36.37 -16.43 16.22
C2 GOL I . 38.47 -15.30 16.51
O2 GOL I . 38.32 -14.20 15.63
C3 GOL I . 39.95 -15.61 16.69
O3 GOL I . 40.42 -15.10 17.93
C1 GOL J . 29.18 -9.28 -7.84
O1 GOL J . 29.94 -10.19 -8.62
C2 GOL J . 28.61 -10.00 -6.61
O2 GOL J . 29.61 -10.88 -6.16
C3 GOL J . 27.38 -10.83 -6.97
O3 GOL J . 26.20 -10.17 -6.58
P PO4 K . 51.93 -17.50 9.46
O1 PO4 K . 51.93 -18.74 10.34
O2 PO4 K . 51.70 -16.28 10.32
O3 PO4 K . 53.26 -17.38 8.76
O4 PO4 K . 50.84 -17.60 8.41
P PO4 L . 51.02 -13.01 -5.24
O1 PO4 L . 52.11 -13.52 -4.34
O2 PO4 L . 50.10 -12.11 -4.43
O3 PO4 L . 51.63 -12.22 -6.38
O4 PO4 L . 50.24 -14.19 -5.79
C1 GOL M . -35.02 -6.64 4.94
O1 GOL M . -35.71 -7.65 4.21
C2 GOL M . -34.28 -5.71 3.99
O2 GOL M . -33.04 -6.26 3.61
C3 GOL M . -34.02 -4.37 4.67
O3 GOL M . -34.23 -3.31 3.76
C1 GOL N . -18.89 -26.80 9.84
O1 GOL N . -18.73 -26.58 11.23
C2 GOL N . -20.36 -26.59 9.49
O2 GOL N . -20.82 -25.50 10.26
C3 GOL N . -21.18 -27.82 9.86
O3 GOL N . -21.46 -28.60 8.72
P PO4 O . -43.36 -27.75 -33.63
P PO4 O . -43.19 -25.37 -34.43
O1 PO4 O . -41.90 -27.39 -33.47
O1 PO4 O . -42.34 -24.13 -34.51
O2 PO4 O . -43.46 -29.02 -34.44
O2 PO4 O . -44.17 -25.38 -35.59
O3 PO4 O . -44.11 -26.65 -34.34
O3 PO4 O . -43.93 -25.39 -33.12
O4 PO4 O . -43.96 -27.93 -32.26
O4 PO4 O . -42.29 -26.58 -34.51
P PO4 P . -14.46 -7.19 19.34
O1 PO4 P . -14.56 -8.64 19.76
O2 PO4 P . -15.41 -6.38 20.20
O3 PO4 P . -13.04 -6.71 19.53
O4 PO4 P . -14.86 -7.04 17.89
#